data_1OXU
#
_entry.id   1OXU
#
_cell.length_a   47.402
_cell.length_b   149.045
_cell.length_c   176.422
_cell.angle_alpha   90.00
_cell.angle_beta   90.00
_cell.angle_gamma   90.00
#
_symmetry.space_group_name_H-M   'P 21 21 21'
#
loop_
_entity.id
_entity.type
_entity.pdbx_description
1 polymer 'ABC transporter, ATP binding protein'
2 non-polymer 'MAGNESIUM ION'
3 non-polymer 'IODIDE ION'
4 non-polymer "ADENOSINE-5'-DIPHOSPHATE"
5 water water
#
_entity_poly.entity_id   1
_entity_poly.type   'polypeptide(L)'
_entity_poly.pdbx_seq_one_letter_code
;MVRIIVKNVSKVFKKGKVVALDNVNINIENGERFGILGPSGAGKTTFMRIIAGLDVPSTGELYFDDRLVASNGKLIVPPE
DRKIGMVFQTWALYPNLTAFENIAFPLTNMKMSKEEIRKRVEEVAKILDIHHVLNHFPRELSGGQQQRVALARALVKDPS
LLLLDEPFSNLDARMRDSARALVKEVQSRLGVTLLVVSHDPADIFAIADRVGVLVKGKLVQVGKPEDLYDNPVSIQVASL
IGEINELEGKVTNEGVVIGSLRFPVSVSSDRAIIGIRPEDVKLSKDVIKDDSWILVGKGKVKVIGYQGGLFRITITPLDS
EEEIFTYSDHPIHSGEEVLVYVRKDKIKVFEKN
;
_entity_poly.pdbx_strand_id   A,B,C
#
# COMPACT_ATOMS: atom_id res chain seq x y z
N MET A 1 -9.12 -13.48 13.00
CA MET A 1 -9.98 -14.66 13.37
C MET A 1 -9.91 -15.76 12.31
N VAL A 2 -9.24 -15.48 11.20
CA VAL A 2 -9.16 -16.47 10.13
C VAL A 2 -7.88 -16.33 9.32
N ARG A 3 -7.25 -17.47 9.05
CA ARG A 3 -6.04 -17.50 8.25
C ARG A 3 -6.40 -17.65 6.78
N ILE A 4 -5.78 -16.85 5.92
CA ILE A 4 -6.02 -16.90 4.48
C ILE A 4 -4.84 -17.51 3.77
N ILE A 5 -5.02 -18.68 3.18
CA ILE A 5 -3.94 -19.34 2.46
C ILE A 5 -4.11 -19.32 0.95
N VAL A 6 -3.23 -18.58 0.27
CA VAL A 6 -3.26 -18.43 -1.18
C VAL A 6 -2.13 -19.26 -1.78
N LYS A 7 -2.48 -20.30 -2.51
CA LYS A 7 -1.47 -21.22 -3.04
C LYS A 7 -1.43 -21.22 -4.57
N ASN A 8 -0.35 -20.69 -5.13
CA ASN A 8 -0.17 -20.70 -6.59
C ASN A 8 -1.38 -20.17 -7.34
N VAL A 9 -1.93 -19.04 -6.90
CA VAL A 9 -3.12 -18.50 -7.55
C VAL A 9 -2.81 -17.66 -8.78
N SER A 10 -3.40 -18.05 -9.90
CA SER A 10 -3.28 -17.30 -11.15
C SER A 10 -4.68 -16.95 -11.65
N LYS A 11 -4.79 -15.87 -12.41
CA LYS A 11 -6.08 -15.45 -12.96
C LYS A 11 -5.89 -14.84 -14.33
N VAL A 12 -6.55 -15.38 -15.34
CA VAL A 12 -6.40 -14.85 -16.69
C VAL A 12 -7.70 -14.22 -17.19
N PHE A 13 -7.56 -13.27 -18.10
CA PHE A 13 -8.71 -12.62 -18.74
C PHE A 13 -8.47 -12.65 -20.25
N LYS A 14 -9.47 -12.23 -21.01
CA LYS A 14 -9.39 -12.23 -22.47
C LYS A 14 -8.96 -13.58 -23.03
N LYS A 15 -9.60 -14.65 -22.56
CA LYS A 15 -9.34 -16.00 -23.06
C LYS A 15 -7.88 -16.42 -22.94
N GLY A 16 -7.19 -15.90 -21.92
CA GLY A 16 -5.79 -16.24 -21.70
C GLY A 16 -4.77 -15.18 -22.07
N LYS A 17 -5.16 -14.21 -22.89
CA LYS A 17 -4.20 -13.19 -23.33
C LYS A 17 -3.66 -12.33 -22.18
N VAL A 18 -4.51 -12.05 -21.20
CA VAL A 18 -4.10 -11.21 -20.08
C VAL A 18 -3.96 -12.02 -18.81
N VAL A 19 -2.76 -12.00 -18.23
CA VAL A 19 -2.49 -12.70 -16.97
C VAL A 19 -2.49 -11.64 -15.86
N ALA A 20 -3.63 -11.50 -15.19
CA ALA A 20 -3.81 -10.49 -14.16
C ALA A 20 -3.11 -10.86 -12.87
N LEU A 21 -3.08 -12.15 -12.56
CA LEU A 21 -2.37 -12.64 -11.38
C LEU A 21 -1.56 -13.85 -11.80
N ASP A 22 -0.28 -13.89 -11.41
CA ASP A 22 0.60 -14.97 -11.84
C ASP A 22 1.31 -15.69 -10.69
N ASN A 23 0.82 -16.89 -10.38
CA ASN A 23 1.42 -17.73 -9.34
C ASN A 23 1.62 -17.05 -7.99
N VAL A 24 0.56 -16.42 -7.49
CA VAL A 24 0.61 -15.70 -6.23
C VAL A 24 0.61 -16.67 -5.03
N ASN A 25 1.56 -16.49 -4.12
CA ASN A 25 1.63 -17.30 -2.91
C ASN A 25 1.73 -16.41 -1.69
N ILE A 26 0.85 -16.64 -0.72
CA ILE A 26 0.92 -15.86 0.51
C ILE A 26 0.04 -16.47 1.58
N ASN A 27 0.54 -16.43 2.81
CA ASN A 27 -0.20 -16.92 3.98
C ASN A 27 -0.51 -15.77 4.94
N ILE A 28 -1.74 -15.26 4.94
CA ILE A 28 -2.12 -14.20 5.86
C ILE A 28 -2.60 -14.80 7.19
N GLU A 29 -1.97 -14.39 8.29
CA GLU A 29 -2.29 -14.97 9.60
C GLU A 29 -3.61 -14.50 10.18
N ASN A 30 -4.23 -15.32 11.03
CA ASN A 30 -5.48 -14.92 11.65
C ASN A 30 -5.29 -13.68 12.50
N GLY A 31 -6.14 -12.68 12.30
CA GLY A 31 -6.10 -11.45 13.07
C GLY A 31 -5.04 -10.46 12.61
N GLU A 32 -4.31 -10.81 11.56
CA GLU A 32 -3.24 -9.95 11.03
C GLU A 32 -3.79 -8.77 10.20
N ARG A 33 -3.07 -7.65 10.24
CA ARG A 33 -3.37 -6.48 9.41
C ARG A 33 -2.40 -6.59 8.22
N PHE A 34 -2.92 -7.00 7.08
CA PHE A 34 -2.07 -7.24 5.92
C PHE A 34 -2.40 -6.32 4.77
N GLY A 35 -1.37 -5.76 4.16
CA GLY A 35 -1.55 -4.83 3.06
C GLY A 35 -0.91 -5.25 1.75
N ILE A 36 -1.53 -4.83 0.66
CA ILE A 36 -0.95 -5.06 -0.66
C ILE A 36 -0.79 -3.71 -1.33
N LEU A 37 0.41 -3.45 -1.82
CA LEU A 37 0.74 -2.20 -2.48
C LEU A 37 1.11 -2.49 -3.93
N GLY A 38 0.54 -1.72 -4.87
CA GLY A 38 0.82 -1.89 -6.28
C GLY A 38 0.19 -0.83 -7.17
N PRO A 39 0.86 -0.50 -8.27
CA PRO A 39 0.37 0.54 -9.19
C PRO A 39 -0.95 0.12 -9.84
N SER A 40 -1.61 1.07 -10.48
CA SER A 40 -2.85 0.79 -11.20
C SER A 40 -2.65 -0.36 -12.20
N GLY A 41 -3.54 -1.35 -12.17
CA GLY A 41 -3.44 -2.46 -13.11
C GLY A 41 -2.57 -3.61 -12.62
N ALA A 42 -2.01 -3.49 -11.42
CA ALA A 42 -1.19 -4.57 -10.88
C ALA A 42 -1.97 -5.86 -10.60
N GLY A 43 -3.28 -5.73 -10.39
CA GLY A 43 -4.12 -6.89 -10.11
C GLY A 43 -4.67 -6.93 -8.69
N LYS A 44 -4.63 -5.79 -8.02
CA LYS A 44 -5.08 -5.66 -6.64
C LYS A 44 -6.55 -6.02 -6.48
N THR A 45 -7.41 -5.41 -7.29
CA THR A 45 -8.84 -5.69 -7.20
C THR A 45 -9.16 -7.13 -7.57
N THR A 46 -8.51 -7.64 -8.61
CA THR A 46 -8.72 -9.03 -9.00
C THR A 46 -8.44 -9.92 -7.80
N PHE A 47 -7.33 -9.65 -7.12
CA PHE A 47 -6.93 -10.44 -5.96
C PHE A 47 -8.01 -10.38 -4.87
N MET A 48 -8.44 -9.17 -4.54
CA MET A 48 -9.44 -9.00 -3.48
C MET A 48 -10.76 -9.68 -3.83
N ARG A 49 -11.16 -9.65 -5.10
CA ARG A 49 -12.38 -10.29 -5.53
C ARG A 49 -12.30 -11.81 -5.34
N ILE A 50 -11.12 -12.37 -5.59
CA ILE A 50 -10.91 -13.81 -5.40
C ILE A 50 -10.98 -14.17 -3.90
N ILE A 51 -10.41 -13.31 -3.06
CA ILE A 51 -10.47 -13.55 -1.62
C ILE A 51 -11.93 -13.49 -1.15
N ALA A 52 -12.68 -12.53 -1.70
CA ALA A 52 -14.07 -12.33 -1.33
C ALA A 52 -14.97 -13.46 -1.81
N GLY A 53 -14.59 -14.08 -2.93
CA GLY A 53 -15.37 -15.15 -3.52
C GLY A 53 -16.22 -14.66 -4.68
N LEU A 54 -16.03 -13.39 -5.05
CA LEU A 54 -16.73 -12.81 -6.20
C LEU A 54 -16.11 -13.28 -7.52
N ASP A 55 -14.93 -13.92 -7.44
CA ASP A 55 -14.27 -14.48 -8.61
C ASP A 55 -13.47 -15.65 -8.07
N VAL A 56 -12.94 -16.48 -8.97
CA VAL A 56 -12.15 -17.63 -8.57
C VAL A 56 -10.83 -17.64 -9.32
N PRO A 57 -9.85 -18.36 -8.79
CA PRO A 57 -8.56 -18.51 -9.47
C PRO A 57 -8.76 -19.32 -10.75
N SER A 58 -8.04 -18.99 -11.82
CA SER A 58 -8.07 -19.81 -13.03
C SER A 58 -7.33 -21.11 -12.72
N THR A 59 -6.19 -20.98 -12.03
CA THR A 59 -5.44 -22.13 -11.53
C THR A 59 -4.99 -21.81 -10.13
N GLY A 60 -4.74 -22.84 -9.33
CA GLY A 60 -4.30 -22.63 -7.95
C GLY A 60 -5.47 -22.77 -6.99
N GLU A 61 -5.21 -22.66 -5.69
CA GLU A 61 -6.22 -22.87 -4.67
C GLU A 61 -6.21 -21.82 -3.56
N LEU A 62 -7.36 -21.70 -2.86
CA LEU A 62 -7.54 -20.75 -1.77
C LEU A 62 -8.16 -21.47 -0.56
N TYR A 63 -7.59 -21.24 0.63
CA TYR A 63 -8.10 -21.83 1.87
C TYR A 63 -8.37 -20.75 2.92
N PHE A 64 -9.46 -20.91 3.66
CA PHE A 64 -9.71 -20.14 4.83
C PHE A 64 -9.51 -21.08 5.97
N ASP A 65 -8.49 -20.85 6.80
CA ASP A 65 -8.07 -21.86 7.78
C ASP A 65 -7.79 -23.16 7.00
N ASP A 66 -8.40 -24.27 7.40
CA ASP A 66 -8.19 -25.52 6.65
C ASP A 66 -9.32 -25.80 5.65
N ARG A 67 -10.20 -24.83 5.43
CA ARG A 67 -11.32 -25.00 4.53
C ARG A 67 -11.00 -24.53 3.11
N LEU A 68 -11.08 -25.46 2.16
CA LEU A 68 -10.88 -25.13 0.75
C LEU A 68 -12.09 -24.31 0.31
N VAL A 69 -11.87 -23.14 -0.26
CA VAL A 69 -13.01 -22.32 -0.70
C VAL A 69 -13.04 -22.10 -2.21
N ALA A 70 -11.92 -22.35 -2.87
CA ALA A 70 -11.85 -22.21 -4.33
C ALA A 70 -10.63 -22.93 -4.89
N SER A 71 -10.79 -23.54 -6.06
CA SER A 71 -9.73 -24.32 -6.67
C SER A 71 -9.83 -24.39 -8.19
N ASN A 72 -8.77 -23.97 -8.87
CA ASN A 72 -8.69 -24.12 -10.32
C ASN A 72 -10.00 -23.89 -11.07
N GLY A 73 -10.52 -22.67 -10.98
CA GLY A 73 -11.71 -22.29 -11.74
C GLY A 73 -13.03 -22.67 -11.12
N LYS A 74 -12.98 -23.34 -9.98
CA LYS A 74 -14.17 -23.80 -9.29
C LYS A 74 -14.38 -23.11 -7.96
N LEU A 75 -15.61 -22.62 -7.75
CA LEU A 75 -15.99 -21.99 -6.49
C LEU A 75 -16.48 -23.08 -5.54
N ILE A 76 -15.77 -23.30 -4.42
CA ILE A 76 -16.13 -24.35 -3.46
C ILE A 76 -17.01 -23.85 -2.31
N VAL A 77 -16.67 -22.68 -1.78
CA VAL A 77 -17.46 -22.03 -0.75
C VAL A 77 -17.80 -20.64 -1.27
N PRO A 78 -19.07 -20.39 -1.53
CA PRO A 78 -19.53 -19.12 -2.10
C PRO A 78 -19.34 -17.95 -1.15
N PRO A 79 -19.28 -16.74 -1.70
CA PRO A 79 -19.02 -15.55 -0.90
C PRO A 79 -19.95 -15.43 0.32
N GLU A 80 -21.24 -15.69 0.14
CA GLU A 80 -22.21 -15.55 1.22
C GLU A 80 -21.91 -16.50 2.39
N ASP A 81 -21.11 -17.52 2.14
CA ASP A 81 -20.77 -18.49 3.17
C ASP A 81 -19.39 -18.25 3.79
N ARG A 82 -18.71 -17.17 3.41
CA ARG A 82 -17.31 -17.00 3.89
C ARG A 82 -17.11 -16.11 5.16
N LYS A 83 -18.13 -15.41 5.64
CA LYS A 83 -17.95 -14.54 6.83
C LYS A 83 -16.95 -13.41 6.54
N ILE A 84 -17.28 -12.62 5.52
CA ILE A 84 -16.44 -11.54 5.07
C ILE A 84 -17.21 -10.22 5.01
N GLY A 85 -16.53 -9.12 5.32
CA GLY A 85 -17.09 -7.79 5.21
C GLY A 85 -16.26 -7.05 4.16
N MET A 86 -16.91 -6.24 3.33
CA MET A 86 -16.23 -5.56 2.24
C MET A 86 -16.53 -4.06 2.11
N VAL A 87 -15.49 -3.28 1.86
CA VAL A 87 -15.65 -1.88 1.47
C VAL A 87 -14.74 -1.68 0.26
N PHE A 88 -15.34 -1.58 -0.93
CA PHE A 88 -14.55 -1.45 -2.16
C PHE A 88 -14.50 -0.02 -2.70
N GLN A 89 -13.49 0.26 -3.52
CA GLN A 89 -13.28 1.60 -4.08
C GLN A 89 -14.55 2.21 -4.65
N THR A 90 -15.43 1.38 -5.20
CA THR A 90 -16.65 1.85 -5.84
C THR A 90 -17.78 1.95 -4.83
N TRP A 91 -17.55 1.44 -3.64
CA TRP A 91 -18.55 1.46 -2.58
C TRP A 91 -19.39 2.72 -2.61
N ALA A 92 -20.66 2.57 -2.26
CA ALA A 92 -21.57 3.69 -2.14
C ALA A 92 -22.74 3.32 -1.23
N LEU A 93 -23.21 4.28 -0.45
CA LEU A 93 -24.36 4.06 0.39
C LEU A 93 -25.59 4.29 -0.48
N TYR A 94 -26.67 3.58 -0.22
CA TYR A 94 -27.90 3.84 -0.95
C TYR A 94 -28.38 5.21 -0.47
N PRO A 95 -28.39 6.19 -1.36
CA PRO A 95 -28.75 7.57 -1.00
C PRO A 95 -30.18 7.75 -0.48
N ASN A 96 -31.10 6.87 -0.85
CA ASN A 96 -32.49 7.02 -0.40
C ASN A 96 -32.87 6.11 0.77
N LEU A 97 -31.86 5.52 1.39
CA LEU A 97 -32.06 4.70 2.58
C LEU A 97 -31.37 5.42 3.72
N THR A 98 -31.97 5.37 4.91
CA THR A 98 -31.32 5.97 6.08
C THR A 98 -30.07 5.18 6.43
N ALA A 99 -29.33 5.66 7.41
CA ALA A 99 -28.17 4.94 7.89
C ALA A 99 -28.60 3.57 8.42
N PHE A 100 -29.65 3.54 9.24
CA PHE A 100 -30.18 2.27 9.74
C PHE A 100 -30.43 1.28 8.59
N GLU A 101 -31.23 1.73 7.62
CA GLU A 101 -31.59 0.91 6.47
C GLU A 101 -30.40 0.42 5.65
N ASN A 102 -29.38 1.26 5.53
CA ASN A 102 -28.17 0.86 4.81
C ASN A 102 -27.44 -0.27 5.54
N ILE A 103 -27.29 -0.11 6.85
CA ILE A 103 -26.59 -1.10 7.65
C ILE A 103 -27.39 -2.40 7.73
N ALA A 104 -28.72 -2.30 7.74
CA ALA A 104 -29.58 -3.46 7.86
C ALA A 104 -29.75 -4.25 6.56
N PHE A 105 -29.49 -3.60 5.43
CA PHE A 105 -29.70 -4.23 4.13
C PHE A 105 -29.17 -5.65 4.02
N PRO A 106 -27.90 -5.84 4.36
CA PRO A 106 -27.28 -7.17 4.28
C PRO A 106 -27.97 -8.25 5.13
N LEU A 107 -28.80 -7.86 6.09
CA LEU A 107 -29.49 -8.84 6.94
C LEU A 107 -30.84 -9.28 6.36
N THR A 108 -31.19 -8.71 5.22
CA THR A 108 -32.46 -9.00 4.56
C THR A 108 -32.82 -10.49 4.48
N ASN A 109 -31.90 -11.30 4.00
CA ASN A 109 -32.17 -12.73 3.82
C ASN A 109 -31.51 -13.62 4.87
N MET A 110 -31.22 -13.06 6.04
CA MET A 110 -30.52 -13.82 7.07
C MET A 110 -31.46 -14.48 8.09
N LYS A 111 -32.75 -14.52 7.78
CA LYS A 111 -33.72 -15.17 8.66
C LYS A 111 -33.74 -14.58 10.07
N MET A 112 -33.67 -13.26 10.14
CA MET A 112 -33.72 -12.58 11.44
C MET A 112 -35.04 -11.83 11.59
N SER A 113 -35.58 -11.83 12.80
CA SER A 113 -36.82 -11.12 13.09
C SER A 113 -36.51 -9.63 13.10
N LYS A 114 -37.54 -8.79 13.05
CA LYS A 114 -37.34 -7.35 13.07
C LYS A 114 -36.57 -6.90 14.30
N GLU A 115 -36.85 -7.51 15.44
CA GLU A 115 -36.17 -7.17 16.68
C GLU A 115 -34.71 -7.62 16.67
N GLU A 116 -34.45 -8.78 16.09
CA GLU A 116 -33.08 -9.27 16.00
C GLU A 116 -32.25 -8.37 15.07
N ILE A 117 -32.87 -7.84 14.02
CA ILE A 117 -32.20 -6.94 13.09
C ILE A 117 -31.86 -5.61 13.79
N ARG A 118 -32.85 -5.03 14.45
CA ARG A 118 -32.65 -3.77 15.17
C ARG A 118 -31.51 -3.89 16.18
N LYS A 119 -31.53 -4.96 16.97
CA LYS A 119 -30.48 -5.16 17.96
C LYS A 119 -29.09 -5.22 17.33
N ARG A 120 -28.95 -6.00 16.26
CA ARG A 120 -27.66 -6.11 15.58
C ARG A 120 -27.22 -4.78 14.99
N VAL A 121 -28.12 -4.08 14.31
CA VAL A 121 -27.77 -2.79 13.73
C VAL A 121 -27.34 -1.79 14.81
N GLU A 122 -28.09 -1.71 15.91
CA GLU A 122 -27.75 -0.76 16.97
C GLU A 122 -26.41 -1.08 17.63
N GLU A 123 -26.12 -2.37 17.82
CA GLU A 123 -24.86 -2.81 18.40
C GLU A 123 -23.67 -2.36 17.57
N VAL A 124 -23.69 -2.65 16.28
CA VAL A 124 -22.59 -2.23 15.41
C VAL A 124 -22.53 -0.71 15.29
N ALA A 125 -23.71 -0.08 15.27
CA ALA A 125 -23.78 1.37 15.17
C ALA A 125 -23.07 2.02 16.35
N LYS A 126 -23.26 1.46 17.54
CA LYS A 126 -22.59 1.94 18.73
C LYS A 126 -21.07 1.77 18.64
N ILE A 127 -20.63 0.62 18.16
CA ILE A 127 -19.20 0.39 18.01
C ILE A 127 -18.56 1.46 17.13
N LEU A 128 -19.24 1.81 16.03
CA LEU A 128 -18.76 2.80 15.08
C LEU A 128 -19.14 4.25 15.45
N ASP A 129 -19.78 4.41 16.60
CA ASP A 129 -20.19 5.72 17.12
C ASP A 129 -21.09 6.53 16.17
N ILE A 130 -22.07 5.87 15.57
CA ILE A 130 -23.03 6.53 14.70
C ILE A 130 -24.45 6.12 15.08
N HIS A 131 -24.58 5.56 16.27
CA HIS A 131 -25.88 5.17 16.77
C HIS A 131 -26.83 6.37 16.78
N HIS A 132 -26.31 7.53 17.14
CA HIS A 132 -27.14 8.74 17.23
C HIS A 132 -27.57 9.35 15.89
N VAL A 133 -27.04 8.85 14.77
CA VAL A 133 -27.47 9.36 13.46
C VAL A 133 -28.07 8.26 12.57
N LEU A 134 -28.61 7.23 13.20
CA LEU A 134 -29.18 6.11 12.45
C LEU A 134 -30.35 6.52 11.56
N ASN A 135 -31.09 7.56 11.95
CA ASN A 135 -32.23 8.02 11.16
C ASN A 135 -31.85 8.97 10.01
N HIS A 136 -30.58 9.32 9.90
CA HIS A 136 -30.13 10.25 8.85
C HIS A 136 -29.96 9.59 7.48
N PHE A 137 -30.19 10.35 6.43
CA PHE A 137 -29.86 9.87 5.08
C PHE A 137 -28.39 10.20 4.86
N PRO A 138 -27.73 9.48 3.95
CA PRO A 138 -26.29 9.68 3.73
C PRO A 138 -25.93 11.13 3.46
N ARG A 139 -26.79 11.85 2.74
CA ARG A 139 -26.52 13.24 2.41
C ARG A 139 -26.51 14.15 3.65
N GLU A 140 -27.14 13.69 4.73
CA GLU A 140 -27.17 14.46 5.97
C GLU A 140 -25.97 14.13 6.87
N LEU A 141 -25.07 13.29 6.38
CA LEU A 141 -23.93 12.87 7.17
C LEU A 141 -22.62 13.50 6.70
N SER A 142 -21.69 13.65 7.62
CA SER A 142 -20.36 14.13 7.26
C SER A 142 -19.61 13.02 6.54
N GLY A 143 -18.51 13.36 5.87
CA GLY A 143 -17.71 12.37 5.17
C GLY A 143 -17.26 11.28 6.13
N GLY A 144 -16.87 11.68 7.33
CA GLY A 144 -16.41 10.74 8.33
C GLY A 144 -17.51 9.80 8.74
N GLN A 145 -18.72 10.34 8.90
CA GLN A 145 -19.88 9.54 9.28
C GLN A 145 -20.27 8.56 8.17
N GLN A 146 -20.14 8.99 6.92
CA GLN A 146 -20.45 8.13 5.79
C GLN A 146 -19.57 6.88 5.83
N GLN A 147 -18.27 7.06 6.02
CA GLN A 147 -17.35 5.91 6.13
C GLN A 147 -17.72 5.01 7.31
N ARG A 148 -18.10 5.60 8.43
CA ARG A 148 -18.50 4.83 9.59
C ARG A 148 -19.73 3.96 9.28
N VAL A 149 -20.65 4.52 8.49
CA VAL A 149 -21.84 3.77 8.10
C VAL A 149 -21.45 2.63 7.15
N ALA A 150 -20.54 2.89 6.23
CA ALA A 150 -20.08 1.83 5.33
C ALA A 150 -19.38 0.71 6.10
N LEU A 151 -18.62 1.07 7.13
CA LEU A 151 -17.91 0.07 7.93
C LEU A 151 -18.90 -0.75 8.74
N ALA A 152 -19.86 -0.08 9.35
CA ALA A 152 -20.89 -0.75 10.13
C ALA A 152 -21.62 -1.74 9.24
N ARG A 153 -21.90 -1.32 8.00
CA ARG A 153 -22.56 -2.18 7.04
C ARG A 153 -21.71 -3.43 6.72
N ALA A 154 -20.41 -3.25 6.57
CA ALA A 154 -19.54 -4.37 6.25
C ALA A 154 -19.41 -5.32 7.44
N LEU A 155 -19.69 -4.83 8.64
CA LEU A 155 -19.48 -5.62 9.85
C LEU A 155 -20.76 -6.16 10.48
N VAL A 156 -21.90 -5.88 9.86
CA VAL A 156 -23.18 -6.22 10.48
C VAL A 156 -23.44 -7.71 10.65
N LYS A 157 -22.85 -8.54 9.79
CA LYS A 157 -23.00 -9.98 9.91
C LYS A 157 -21.87 -10.65 10.71
N ASP A 158 -21.15 -9.86 11.52
CA ASP A 158 -20.10 -10.43 12.38
C ASP A 158 -19.05 -11.27 11.60
N PRO A 159 -18.40 -10.67 10.60
CA PRO A 159 -17.43 -11.41 9.78
C PRO A 159 -16.12 -11.67 10.51
N SER A 160 -15.32 -12.59 9.99
CA SER A 160 -13.99 -12.89 10.54
C SER A 160 -12.91 -12.13 9.75
N LEU A 161 -13.28 -11.69 8.55
CA LEU A 161 -12.36 -11.01 7.64
C LEU A 161 -12.95 -9.72 7.09
N LEU A 162 -12.16 -8.65 7.12
CA LEU A 162 -12.60 -7.38 6.54
C LEU A 162 -11.69 -7.01 5.37
N LEU A 163 -12.29 -6.74 4.21
CA LEU A 163 -11.55 -6.40 3.00
C LEU A 163 -11.76 -4.95 2.58
N LEU A 164 -10.66 -4.24 2.41
CA LEU A 164 -10.71 -2.83 2.00
C LEU A 164 -9.96 -2.64 0.70
N ASP A 165 -10.68 -2.20 -0.33
CA ASP A 165 -10.07 -1.95 -1.61
C ASP A 165 -9.99 -0.46 -1.88
N GLU A 166 -8.83 0.13 -1.62
CA GLU A 166 -8.62 1.56 -1.84
C GLU A 166 -9.77 2.40 -1.31
N PRO A 167 -10.06 2.24 -0.02
CA PRO A 167 -11.21 2.86 0.64
C PRO A 167 -11.08 4.36 0.90
N PHE A 168 -9.87 4.84 1.20
CA PHE A 168 -9.66 6.25 1.53
C PHE A 168 -9.58 7.16 0.31
N SER A 169 -10.50 7.00 -0.64
CA SER A 169 -10.44 7.79 -1.86
C SER A 169 -11.29 9.05 -1.74
N ASN A 170 -12.43 8.92 -1.07
CA ASN A 170 -13.37 10.03 -0.92
C ASN A 170 -12.82 11.07 0.04
N LEU A 171 -11.76 10.70 0.75
CA LEU A 171 -11.17 11.57 1.76
C LEU A 171 -10.02 12.39 1.21
N ASP A 172 -9.73 13.50 1.90
CA ASP A 172 -8.58 14.32 1.59
C ASP A 172 -7.50 13.84 2.56
N ALA A 173 -6.81 14.75 3.23
CA ALA A 173 -5.68 14.35 4.06
C ALA A 173 -5.93 14.40 5.55
N ARG A 174 -6.72 15.38 5.98
CA ARG A 174 -7.06 15.45 7.39
C ARG A 174 -7.97 14.28 7.64
N MET A 175 -8.84 14.03 6.67
CA MET A 175 -9.79 12.95 6.75
C MET A 175 -9.10 11.60 6.57
N ARG A 176 -7.97 11.58 5.85
CA ARG A 176 -7.25 10.34 5.59
C ARG A 176 -6.58 9.78 6.85
N ASP A 177 -5.99 10.66 7.64
CA ASP A 177 -5.40 10.25 8.91
C ASP A 177 -6.48 9.64 9.80
N SER A 178 -7.61 10.33 9.91
CA SER A 178 -8.73 9.89 10.74
C SER A 178 -9.30 8.57 10.27
N ALA A 179 -9.52 8.45 8.96
CA ALA A 179 -10.06 7.21 8.41
C ALA A 179 -9.12 6.03 8.65
N ARG A 180 -7.82 6.25 8.51
CA ARG A 180 -6.86 5.18 8.75
C ARG A 180 -6.88 4.79 10.22
N ALA A 181 -6.85 5.80 11.09
CA ALA A 181 -6.91 5.54 12.53
C ALA A 181 -8.18 4.76 12.90
N LEU A 182 -9.30 5.12 12.29
CA LEU A 182 -10.55 4.41 12.57
C LEU A 182 -10.46 2.93 12.16
N VAL A 183 -9.87 2.65 11.00
CA VAL A 183 -9.74 1.26 10.53
C VAL A 183 -8.99 0.41 11.55
N LYS A 184 -7.90 0.94 12.09
CA LYS A 184 -7.11 0.22 13.09
C LYS A 184 -7.88 0.00 14.40
N GLU A 185 -8.60 1.01 14.86
CA GLU A 185 -9.37 0.89 16.09
C GLU A 185 -10.41 -0.20 15.96
N VAL A 186 -11.14 -0.18 14.85
CA VAL A 186 -12.19 -1.15 14.60
C VAL A 186 -11.62 -2.57 14.49
N GLN A 187 -10.47 -2.71 13.84
CA GLN A 187 -9.83 -4.02 13.72
C GLN A 187 -9.49 -4.58 15.10
N SER A 188 -9.06 -3.70 16.01
CA SER A 188 -8.70 -4.10 17.37
C SER A 188 -9.96 -4.45 18.17
N ARG A 189 -11.00 -3.65 18.01
CA ARG A 189 -12.25 -3.88 18.73
C ARG A 189 -12.89 -5.25 18.39
N LEU A 190 -12.70 -5.72 17.16
CA LEU A 190 -13.38 -6.94 16.71
C LEU A 190 -12.48 -8.14 16.51
N GLY A 191 -11.19 -7.89 16.33
CA GLY A 191 -10.22 -8.96 16.13
C GLY A 191 -10.22 -9.56 14.74
N VAL A 192 -10.85 -8.89 13.77
CA VAL A 192 -10.91 -9.45 12.44
C VAL A 192 -9.56 -9.48 11.74
N THR A 193 -9.39 -10.43 10.85
CA THR A 193 -8.27 -10.42 9.97
C THR A 193 -8.52 -9.30 9.01
N LEU A 194 -7.50 -8.53 8.65
CA LEU A 194 -7.71 -7.37 7.79
C LEU A 194 -6.80 -7.33 6.56
N LEU A 195 -7.41 -7.18 5.41
CA LEU A 195 -6.64 -7.04 4.17
C LEU A 195 -7.03 -5.72 3.50
N VAL A 196 -6.05 -4.85 3.32
CA VAL A 196 -6.30 -3.59 2.63
C VAL A 196 -5.38 -3.51 1.41
N VAL A 197 -5.94 -3.16 0.27
CA VAL A 197 -5.11 -2.99 -0.93
C VAL A 197 -5.15 -1.54 -1.40
N SER A 198 -4.00 -1.04 -1.84
CA SER A 198 -3.90 0.33 -2.30
C SER A 198 -2.69 0.61 -3.19
N HIS A 199 -2.76 1.71 -3.93
CA HIS A 199 -1.63 2.19 -4.70
C HIS A 199 -0.90 3.26 -3.89
N ASP A 200 -1.40 3.53 -2.68
CA ASP A 200 -0.82 4.58 -1.84
C ASP A 200 -0.02 4.04 -0.66
N PRO A 201 1.28 4.28 -0.67
CA PRO A 201 2.19 3.73 0.35
C PRO A 201 1.88 4.26 1.74
N ALA A 202 1.23 5.42 1.81
CA ALA A 202 0.87 6.03 3.09
C ALA A 202 -0.15 5.17 3.82
N ASP A 203 -1.09 4.61 3.06
CA ASP A 203 -2.11 3.72 3.60
C ASP A 203 -1.50 2.49 4.23
N ILE A 204 -0.37 2.07 3.69
CA ILE A 204 0.30 0.85 4.12
C ILE A 204 1.10 0.98 5.40
N PHE A 205 1.96 1.99 5.47
CA PHE A 205 2.74 2.21 6.66
C PHE A 205 1.79 2.54 7.81
N ALA A 206 0.65 3.13 7.46
CA ALA A 206 -0.29 3.56 8.48
C ALA A 206 -1.06 2.41 9.09
N ILE A 207 -1.36 1.40 8.29
CA ILE A 207 -2.29 0.33 8.75
C ILE A 207 -1.69 -1.11 8.81
N ALA A 208 -0.89 -1.51 7.82
CA ALA A 208 -0.44 -2.90 7.73
C ALA A 208 0.80 -3.25 8.56
N ASP A 209 0.79 -4.43 9.15
CA ASP A 209 1.95 -4.89 9.90
C ASP A 209 2.85 -5.71 8.98
N ARG A 210 2.24 -6.24 7.92
CA ARG A 210 3.01 -6.97 6.90
C ARG A 210 2.44 -6.55 5.54
N VAL A 211 3.32 -6.43 4.54
CA VAL A 211 2.89 -5.95 3.23
C VAL A 211 3.46 -6.77 2.08
N GLY A 212 2.65 -6.94 1.04
CA GLY A 212 3.08 -7.60 -0.18
C GLY A 212 3.02 -6.58 -1.32
N VAL A 213 4.06 -6.56 -2.14
CA VAL A 213 4.10 -5.63 -3.27
C VAL A 213 3.74 -6.36 -4.54
N LEU A 214 2.75 -5.83 -5.26
CA LEU A 214 2.23 -6.47 -6.45
C LEU A 214 2.57 -5.67 -7.70
N VAL A 215 3.26 -6.31 -8.64
CA VAL A 215 3.65 -5.66 -9.90
C VAL A 215 3.33 -6.52 -11.12
N LYS A 216 2.41 -6.04 -11.95
CA LYS A 216 1.98 -6.74 -13.15
C LYS A 216 1.60 -8.20 -12.87
N GLY A 217 0.78 -8.40 -11.85
CA GLY A 217 0.28 -9.72 -11.51
C GLY A 217 1.20 -10.56 -10.64
N LYS A 218 2.44 -10.12 -10.45
CA LYS A 218 3.39 -10.86 -9.62
C LYS A 218 3.60 -10.24 -8.26
N LEU A 219 3.55 -11.06 -7.22
CA LEU A 219 3.81 -10.61 -5.86
C LEU A 219 5.32 -10.70 -5.69
N VAL A 220 6.01 -9.59 -5.93
CA VAL A 220 7.49 -9.59 -5.99
C VAL A 220 8.22 -9.60 -4.66
N GLN A 221 7.55 -9.21 -3.57
CA GLN A 221 8.19 -9.19 -2.25
C GLN A 221 7.17 -9.09 -1.14
N VAL A 222 7.41 -9.81 -0.05
CA VAL A 222 6.54 -9.75 1.13
C VAL A 222 7.42 -9.55 2.36
N GLY A 223 6.99 -8.68 3.28
CA GLY A 223 7.76 -8.42 4.49
C GLY A 223 7.15 -7.34 5.34
N LYS A 224 7.81 -7.00 6.45
CA LYS A 224 7.34 -5.89 7.28
C LYS A 224 7.66 -4.64 6.49
N PRO A 225 6.91 -3.58 6.69
CA PRO A 225 7.10 -2.32 5.94
C PRO A 225 8.56 -1.87 5.95
N GLU A 226 9.17 -1.83 7.12
CA GLU A 226 10.56 -1.40 7.23
C GLU A 226 11.52 -2.29 6.43
N ASP A 227 11.17 -3.57 6.29
CA ASP A 227 12.01 -4.51 5.53
C ASP A 227 11.99 -4.19 4.05
N LEU A 228 10.80 -3.87 3.54
CA LEU A 228 10.67 -3.48 2.16
C LEU A 228 11.39 -2.15 1.95
N TYR A 229 11.20 -1.22 2.90
CA TYR A 229 11.82 0.10 2.82
C TYR A 229 13.35 0.01 2.79
N ASP A 230 13.94 -0.76 3.70
CA ASP A 230 15.40 -0.87 3.79
C ASP A 230 16.05 -1.88 2.82
N ASN A 231 15.36 -2.99 2.59
CA ASN A 231 15.90 -4.06 1.74
C ASN A 231 15.01 -4.41 0.53
N PRO A 232 14.70 -3.43 -0.30
CA PRO A 232 13.86 -3.68 -1.48
C PRO A 232 14.55 -4.65 -2.43
N VAL A 233 13.77 -5.52 -3.07
CA VAL A 233 14.34 -6.52 -3.96
C VAL A 233 14.71 -5.94 -5.34
N SER A 234 14.17 -4.78 -5.65
CA SER A 234 14.46 -4.12 -6.93
C SER A 234 14.34 -2.62 -6.77
N ILE A 235 14.78 -1.89 -7.79
CA ILE A 235 14.67 -0.44 -7.75
C ILE A 235 13.19 -0.05 -7.86
N GLN A 236 12.40 -0.83 -8.60
CA GLN A 236 10.98 -0.49 -8.70
C GLN A 236 10.24 -0.64 -7.36
N VAL A 237 10.53 -1.70 -6.62
CA VAL A 237 9.93 -1.86 -5.29
C VAL A 237 10.40 -0.73 -4.38
N ALA A 238 11.68 -0.40 -4.47
CA ALA A 238 12.26 0.64 -3.62
C ALA A 238 11.53 1.98 -3.73
N SER A 239 11.17 2.38 -4.96
CA SER A 239 10.49 3.64 -5.17
C SER A 239 8.98 3.54 -4.94
N LEU A 240 8.42 2.34 -5.10
CA LEU A 240 7.01 2.19 -4.82
C LEU A 240 6.78 2.39 -3.33
N ILE A 241 7.68 1.86 -2.51
CA ILE A 241 7.53 1.90 -1.06
C ILE A 241 7.91 3.25 -0.45
N GLY A 242 8.63 4.09 -1.20
CA GLY A 242 9.01 5.40 -0.70
C GLY A 242 9.95 6.18 -1.60
N GLU A 243 10.21 7.45 -1.23
CA GLU A 243 11.09 8.32 -2.02
C GLU A 243 12.51 7.80 -2.14
N ILE A 244 13.06 7.87 -3.34
CA ILE A 244 14.44 7.43 -3.53
C ILE A 244 15.11 8.05 -4.75
N ASN A 245 16.40 8.32 -4.62
CA ASN A 245 17.21 8.80 -5.74
C ASN A 245 17.71 7.58 -6.53
N GLU A 246 17.42 7.54 -7.84
CA GLU A 246 17.87 6.43 -8.68
C GLU A 246 18.97 6.87 -9.65
N LEU A 247 20.15 6.27 -9.52
CA LEU A 247 21.29 6.64 -10.37
C LEU A 247 21.88 5.46 -11.12
N GLU A 248 22.17 5.70 -12.40
CA GLU A 248 22.81 4.72 -13.27
C GLU A 248 24.30 4.99 -13.35
N GLY A 249 25.13 3.96 -13.16
CA GLY A 249 26.57 4.16 -13.20
C GLY A 249 27.37 2.97 -13.71
N LYS A 250 28.65 3.22 -13.96
CA LYS A 250 29.55 2.18 -14.44
C LYS A 250 30.24 1.49 -13.26
N VAL A 251 30.27 0.16 -13.30
CA VAL A 251 30.92 -0.62 -12.26
C VAL A 251 32.42 -0.69 -12.52
N THR A 252 33.23 -0.33 -11.54
CA THR A 252 34.68 -0.40 -11.68
C THR A 252 35.34 -0.84 -10.38
N ASN A 253 36.63 -1.15 -10.45
CA ASN A 253 37.39 -1.59 -9.31
C ASN A 253 37.15 -0.71 -8.09
N GLU A 254 36.98 0.59 -8.34
CA GLU A 254 36.75 1.54 -7.27
C GLU A 254 35.31 1.57 -6.81
N GLY A 255 34.39 1.18 -7.68
CA GLY A 255 32.97 1.17 -7.37
C GLY A 255 32.14 1.74 -8.51
N VAL A 256 30.88 2.05 -8.22
CA VAL A 256 29.97 2.56 -9.24
C VAL A 256 30.21 4.05 -9.49
N VAL A 257 30.75 4.37 -10.66
CA VAL A 257 31.08 5.74 -11.01
C VAL A 257 29.95 6.48 -11.70
N ILE A 258 29.65 7.67 -11.18
CA ILE A 258 28.61 8.52 -11.75
C ILE A 258 29.13 9.94 -11.75
N GLY A 259 29.77 10.35 -12.84
CA GLY A 259 30.36 11.67 -12.90
C GLY A 259 31.43 11.78 -11.82
N SER A 260 31.36 12.83 -11.01
CA SER A 260 32.35 13.05 -9.95
C SER A 260 32.09 12.18 -8.70
N LEU A 261 30.98 11.46 -8.68
CA LEU A 261 30.66 10.64 -7.51
C LEU A 261 31.09 9.19 -7.69
N ARG A 262 31.48 8.56 -6.58
CA ARG A 262 31.91 7.18 -6.58
C ARG A 262 31.34 6.44 -5.37
N PHE A 263 30.45 5.49 -5.64
CA PHE A 263 29.78 4.71 -4.58
C PHE A 263 30.48 3.37 -4.37
N PRO A 264 30.92 3.14 -3.13
CA PRO A 264 31.67 1.93 -2.77
C PRO A 264 30.85 0.64 -2.70
N VAL A 265 30.13 0.31 -3.78
CA VAL A 265 29.37 -0.93 -3.82
C VAL A 265 29.61 -1.54 -5.19
N SER A 266 29.09 -2.75 -5.41
CA SER A 266 29.27 -3.40 -6.69
C SER A 266 28.24 -4.46 -7.05
N VAL A 267 28.13 -4.71 -8.35
CA VAL A 267 27.27 -5.76 -8.88
C VAL A 267 28.11 -6.52 -9.90
N SER A 268 27.66 -7.72 -10.29
CA SER A 268 28.43 -8.53 -11.25
C SER A 268 27.99 -8.21 -12.67
N SER A 269 27.84 -6.93 -12.97
CA SER A 269 27.39 -6.50 -14.29
C SER A 269 28.19 -5.28 -14.76
N ASP A 270 28.09 -4.98 -16.05
CA ASP A 270 28.80 -3.84 -16.64
C ASP A 270 28.39 -2.54 -15.96
N ARG A 271 27.09 -2.38 -15.74
CA ARG A 271 26.58 -1.18 -15.11
C ARG A 271 25.70 -1.54 -13.92
N ALA A 272 25.35 -0.54 -13.11
CA ALA A 272 24.54 -0.78 -11.94
C ALA A 272 23.58 0.36 -11.66
N ILE A 273 22.47 0.02 -10.99
CA ILE A 273 21.52 1.03 -10.59
C ILE A 273 21.75 1.32 -9.11
N ILE A 274 21.98 2.59 -8.80
CA ILE A 274 22.18 3.02 -7.42
C ILE A 274 20.89 3.59 -6.87
N GLY A 275 20.50 3.14 -5.68
CA GLY A 275 19.34 3.68 -4.99
C GLY A 275 19.74 4.30 -3.66
N ILE A 276 19.47 5.60 -3.51
CA ILE A 276 19.80 6.31 -2.27
C ILE A 276 18.64 7.21 -1.82
N ARG A 277 18.08 6.91 -0.65
CA ARG A 277 16.98 7.69 -0.11
C ARG A 277 17.48 9.06 0.36
N PRO A 278 16.63 10.06 0.25
CA PRO A 278 16.96 11.45 0.64
C PRO A 278 17.54 11.56 2.05
N GLU A 279 16.92 10.89 3.02
CA GLU A 279 17.42 10.94 4.40
C GLU A 279 18.83 10.36 4.52
N ASP A 280 19.27 9.62 3.52
CA ASP A 280 20.59 9.00 3.56
C ASP A 280 21.63 9.79 2.77
N VAL A 281 21.34 11.07 2.53
CA VAL A 281 22.27 11.95 1.84
C VAL A 281 22.52 13.17 2.70
N LYS A 282 23.78 13.60 2.75
CA LYS A 282 24.11 14.81 3.50
C LYS A 282 25.08 15.66 2.71
N LEU A 283 24.80 16.95 2.63
CA LEU A 283 25.64 17.88 1.88
C LEU A 283 26.43 18.75 2.85
N SER A 284 27.63 19.14 2.45
CA SER A 284 28.48 19.91 3.33
C SER A 284 29.52 20.67 2.52
N LYS A 285 29.89 21.85 3.01
CA LYS A 285 30.88 22.67 2.33
C LYS A 285 32.27 22.33 2.89
N ASP A 286 32.29 21.56 3.97
CA ASP A 286 33.53 21.13 4.57
C ASP A 286 33.48 19.62 4.79
N VAL A 287 34.64 19.02 5.01
CA VAL A 287 34.69 17.58 5.23
C VAL A 287 33.98 17.25 6.55
N ILE A 288 33.25 16.15 6.56
CA ILE A 288 32.58 15.76 7.80
C ILE A 288 33.39 14.70 8.51
N LYS A 289 33.82 15.02 9.73
CA LYS A 289 34.58 14.09 10.55
C LYS A 289 33.63 13.22 11.36
N ASP A 290 32.93 12.33 10.66
CA ASP A 290 31.96 11.46 11.29
C ASP A 290 31.89 10.14 10.51
N ASP A 291 32.30 9.07 11.17
CA ASP A 291 32.42 7.75 10.54
C ASP A 291 31.11 7.17 10.00
N SER A 292 29.98 7.67 10.50
CA SER A 292 28.68 7.14 10.06
C SER A 292 28.28 7.66 8.67
N TRP A 293 28.99 8.68 8.19
CA TRP A 293 28.75 9.26 6.88
C TRP A 293 29.95 9.02 5.96
N ILE A 294 29.69 8.71 4.69
CA ILE A 294 30.77 8.44 3.74
C ILE A 294 30.81 9.40 2.55
N LEU A 295 31.98 9.99 2.31
CA LEU A 295 32.18 10.91 1.21
C LEU A 295 32.16 10.18 -0.12
N VAL A 296 31.30 10.61 -1.04
CA VAL A 296 31.26 9.97 -2.34
C VAL A 296 31.80 10.90 -3.44
N GLY A 297 32.04 12.16 -3.10
CA GLY A 297 32.64 13.10 -4.04
C GLY A 297 32.01 14.49 -4.06
N LYS A 298 32.42 15.30 -5.03
CA LYS A 298 31.91 16.66 -5.15
C LYS A 298 30.61 16.73 -5.92
N GLY A 299 29.78 17.71 -5.58
CA GLY A 299 28.53 17.94 -6.26
C GLY A 299 28.29 19.43 -6.47
N LYS A 300 27.20 19.76 -7.15
CA LYS A 300 26.85 21.14 -7.41
C LYS A 300 25.35 21.32 -7.26
N VAL A 301 24.92 22.30 -6.47
CA VAL A 301 23.50 22.55 -6.26
C VAL A 301 22.83 23.10 -7.52
N LYS A 302 21.79 22.43 -7.94
CA LYS A 302 21.09 22.78 -9.17
C LYS A 302 19.84 23.64 -8.93
N VAL A 303 19.07 23.31 -7.89
CA VAL A 303 17.86 24.07 -7.60
C VAL A 303 17.35 23.72 -6.21
N ILE A 304 16.65 24.68 -5.59
CA ILE A 304 16.14 24.44 -4.24
C ILE A 304 14.64 24.67 -4.15
N GLY A 305 13.99 23.91 -3.28
CA GLY A 305 12.56 24.03 -3.07
C GLY A 305 12.22 24.16 -1.61
N TYR A 306 10.99 24.54 -1.34
CA TYR A 306 10.53 24.72 0.03
C TYR A 306 9.12 24.18 0.17
N GLN A 307 8.92 23.30 1.14
CA GLN A 307 7.62 22.71 1.41
C GLN A 307 7.67 21.89 2.69
N GLY A 308 6.57 21.89 3.44
CA GLY A 308 6.51 21.16 4.68
C GLY A 308 7.52 21.64 5.70
N GLY A 309 7.88 22.91 5.60
CA GLY A 309 8.82 23.52 6.52
C GLY A 309 10.28 23.20 6.24
N LEU A 310 10.53 22.37 5.24
CA LEU A 310 11.89 21.97 4.91
C LEU A 310 12.34 22.39 3.52
N PHE A 311 13.64 22.46 3.33
CA PHE A 311 14.20 22.77 2.03
C PHE A 311 14.52 21.48 1.29
N ARG A 312 14.11 21.42 0.03
CA ARG A 312 14.42 20.30 -0.82
C ARG A 312 15.56 20.76 -1.71
N ILE A 313 16.73 20.15 -1.53
CA ILE A 313 17.91 20.57 -2.26
C ILE A 313 18.26 19.54 -3.32
N THR A 314 18.34 20.00 -4.57
CA THR A 314 18.69 19.14 -5.68
C THR A 314 20.09 19.46 -6.18
N ILE A 315 20.94 18.44 -6.27
CA ILE A 315 22.27 18.60 -6.82
C ILE A 315 22.49 17.63 -7.97
N THR A 316 23.61 17.81 -8.66
CA THR A 316 24.08 16.89 -9.63
C THR A 316 25.54 16.74 -9.36
N PRO A 317 26.14 15.61 -9.72
CA PRO A 317 27.59 15.48 -9.63
C PRO A 317 28.21 16.38 -10.68
N LEU A 318 29.51 16.65 -10.58
CA LEU A 318 30.16 17.40 -11.64
C LEU A 318 30.24 16.46 -12.84
N ASP A 319 30.03 16.98 -14.03
CA ASP A 319 30.15 16.18 -15.24
C ASP A 319 29.08 15.10 -15.31
N SER A 320 27.87 15.43 -14.90
CA SER A 320 26.76 14.50 -14.93
C SER A 320 25.44 15.26 -14.86
N GLU A 321 24.39 14.64 -15.40
CA GLU A 321 23.07 15.24 -15.42
C GLU A 321 22.19 14.58 -14.36
N GLU A 322 22.66 13.45 -13.84
CA GLU A 322 21.92 12.72 -12.82
C GLU A 322 21.59 13.63 -11.64
N GLU A 323 20.37 13.50 -11.14
CA GLU A 323 19.95 14.33 -10.01
C GLU A 323 19.92 13.54 -8.71
N ILE A 324 20.20 14.25 -7.63
CA ILE A 324 20.13 13.69 -6.29
C ILE A 324 19.50 14.74 -5.41
N PHE A 325 18.38 14.42 -4.76
CA PHE A 325 17.76 15.38 -3.85
C PHE A 325 17.75 14.88 -2.42
N THR A 326 17.68 15.82 -1.49
CA THR A 326 17.64 15.52 -0.06
C THR A 326 16.97 16.69 0.64
N TYR A 327 16.55 16.48 1.89
CA TYR A 327 15.84 17.52 2.64
C TYR A 327 16.70 18.06 3.77
N SER A 328 16.57 19.35 4.07
CA SER A 328 17.35 19.97 5.14
C SER A 328 16.66 21.19 5.77
N ASP A 329 17.03 21.47 7.02
CA ASP A 329 16.50 22.61 7.74
C ASP A 329 17.07 23.92 7.20
N HIS A 330 18.20 23.83 6.52
CA HIS A 330 18.86 25.01 5.99
C HIS A 330 19.13 24.91 4.49
N PRO A 331 19.06 26.04 3.80
CA PRO A 331 19.25 26.07 2.35
C PRO A 331 20.72 26.18 1.95
N ILE A 332 21.03 25.68 0.76
CA ILE A 332 22.28 25.94 0.14
C ILE A 332 21.95 26.45 -1.22
N HIS A 333 22.51 27.61 -1.58
CA HIS A 333 22.13 28.27 -2.82
C HIS A 333 22.59 27.55 -4.09
N SER A 334 21.84 27.74 -5.16
CA SER A 334 22.16 27.09 -6.44
C SER A 334 23.51 27.55 -6.97
N GLY A 335 24.20 26.66 -7.68
CA GLY A 335 25.50 26.98 -8.22
C GLY A 335 26.66 26.73 -7.27
N GLU A 336 26.35 26.45 -6.01
CA GLU A 336 27.38 26.18 -5.01
C GLU A 336 27.88 24.75 -5.13
N GLU A 337 29.18 24.55 -4.95
CA GLU A 337 29.75 23.22 -4.96
C GLU A 337 29.70 22.70 -3.55
N VAL A 338 29.43 21.41 -3.39
CA VAL A 338 29.36 20.84 -2.06
C VAL A 338 29.94 19.44 -2.00
N LEU A 339 30.23 18.98 -0.80
CA LEU A 339 30.67 17.61 -0.59
C LEU A 339 29.42 16.78 -0.42
N VAL A 340 29.37 15.62 -1.06
CA VAL A 340 28.22 14.74 -0.92
C VAL A 340 28.56 13.53 -0.06
N TYR A 341 27.83 13.35 1.03
CA TYR A 341 28.03 12.21 1.91
C TYR A 341 26.79 11.32 1.91
N VAL A 342 26.99 10.02 2.12
CA VAL A 342 25.88 9.09 2.26
C VAL A 342 26.10 8.12 3.41
N ARG A 343 25.02 7.55 3.92
CA ARG A 343 25.09 6.46 4.90
C ARG A 343 25.41 5.21 4.08
N LYS A 344 26.66 4.77 4.12
CA LYS A 344 27.10 3.64 3.30
C LYS A 344 26.27 2.37 3.40
N ASP A 345 25.95 1.94 4.62
CA ASP A 345 25.16 0.74 4.77
C ASP A 345 23.74 0.94 4.24
N LYS A 346 23.45 2.14 3.73
CA LYS A 346 22.11 2.42 3.21
C LYS A 346 22.06 2.54 1.68
N ILE A 347 23.21 2.37 1.04
CA ILE A 347 23.26 2.43 -0.41
C ILE A 347 22.59 1.18 -0.98
N LYS A 348 21.61 1.37 -1.85
CA LYS A 348 20.97 0.23 -2.50
C LYS A 348 21.54 0.08 -3.91
N VAL A 349 21.85 -1.16 -4.29
CA VAL A 349 22.48 -1.40 -5.58
C VAL A 349 21.86 -2.58 -6.32
N PHE A 350 21.66 -2.41 -7.62
CA PHE A 350 21.07 -3.47 -8.44
C PHE A 350 21.76 -3.54 -9.79
N GLU A 351 21.84 -4.75 -10.34
CA GLU A 351 22.40 -4.92 -11.67
C GLU A 351 21.46 -4.18 -12.60
N LYS A 352 22.01 -3.58 -13.66
CA LYS A 352 21.17 -2.90 -14.64
C LYS A 352 20.68 -3.91 -15.67
N ASN A 353 19.49 -3.67 -16.20
CA ASN A 353 18.90 -4.54 -17.19
C ASN A 353 19.95 -5.26 -18.04
N MET B 1 31.00 -43.92 4.80
CA MET B 1 30.34 -45.20 5.10
C MET B 1 29.93 -45.93 3.83
N VAL B 2 30.75 -45.77 2.79
CA VAL B 2 30.58 -46.52 1.55
C VAL B 2 31.87 -46.45 0.73
N ARG B 3 32.30 -47.60 0.23
CA ARG B 3 33.54 -47.66 -0.53
C ARG B 3 33.21 -47.68 -2.01
N ILE B 4 33.88 -46.85 -2.79
CA ILE B 4 33.61 -46.78 -4.21
C ILE B 4 34.75 -47.32 -5.05
N ILE B 5 34.47 -48.41 -5.75
CA ILE B 5 35.47 -49.02 -6.61
C ILE B 5 35.15 -48.72 -8.06
N VAL B 6 35.99 -47.89 -8.68
CA VAL B 6 35.90 -47.56 -10.09
C VAL B 6 36.92 -48.43 -10.83
N LYS B 7 36.45 -49.40 -11.61
CA LYS B 7 37.38 -50.32 -12.27
C LYS B 7 37.40 -50.22 -13.78
N ASN B 8 38.52 -49.75 -14.33
CA ASN B 8 38.68 -49.67 -15.78
C ASN B 8 37.47 -49.02 -16.46
N VAL B 9 36.99 -47.93 -15.88
CA VAL B 9 35.83 -47.24 -16.42
C VAL B 9 36.15 -46.33 -17.61
N SER B 10 35.46 -46.56 -18.72
CA SER B 10 35.57 -45.75 -19.93
C SER B 10 34.18 -45.32 -20.34
N LYS B 11 34.07 -44.18 -21.02
CA LYS B 11 32.79 -43.69 -21.52
C LYS B 11 33.01 -43.05 -22.88
N VAL B 12 32.24 -43.48 -23.88
CA VAL B 12 32.38 -42.92 -25.22
C VAL B 12 31.07 -42.31 -25.71
N PHE B 13 31.21 -41.32 -26.60
CA PHE B 13 30.08 -40.68 -27.26
C PHE B 13 30.40 -40.66 -28.75
N LYS B 14 29.43 -40.21 -29.55
CA LYS B 14 29.59 -40.16 -30.99
C LYS B 14 30.02 -41.50 -31.58
N LYS B 15 29.32 -42.56 -31.18
CA LYS B 15 29.55 -43.89 -31.72
C LYS B 15 30.99 -44.36 -31.51
N GLY B 16 31.62 -43.90 -30.45
CA GLY B 16 32.98 -44.33 -30.11
C GLY B 16 34.07 -43.39 -30.54
N LYS B 17 33.72 -42.35 -31.28
CA LYS B 17 34.70 -41.39 -31.78
C LYS B 17 35.26 -40.48 -30.68
N VAL B 18 34.45 -40.22 -29.66
CA VAL B 18 34.87 -39.36 -28.56
C VAL B 18 34.99 -40.16 -27.28
N VAL B 19 36.19 -40.17 -26.71
CA VAL B 19 36.44 -40.86 -25.45
C VAL B 19 36.45 -39.83 -24.32
N ALA B 20 35.34 -39.77 -23.58
CA ALA B 20 35.17 -38.80 -22.50
C ALA B 20 35.92 -39.21 -21.23
N LEU B 21 36.01 -40.52 -21.00
CA LEU B 21 36.75 -41.07 -19.87
C LEU B 21 37.52 -42.27 -20.40
N ASP B 22 38.80 -42.34 -20.08
CA ASP B 22 39.65 -43.40 -20.59
C ASP B 22 40.29 -44.25 -19.49
N ASN B 23 39.73 -45.43 -19.29
CA ASN B 23 40.24 -46.42 -18.33
C ASN B 23 40.57 -45.87 -16.95
N VAL B 24 39.59 -45.22 -16.33
CA VAL B 24 39.76 -44.63 -15.01
C VAL B 24 39.72 -45.70 -13.91
N ASN B 25 40.75 -45.71 -13.07
CA ASN B 25 40.80 -46.62 -11.93
C ASN B 25 41.00 -45.88 -10.62
N ILE B 26 40.00 -45.98 -9.74
CA ILE B 26 40.06 -45.35 -8.43
C ILE B 26 39.29 -46.16 -7.40
N ASN B 27 39.86 -46.24 -6.20
CA ASN B 27 39.18 -46.85 -5.07
C ASN B 27 39.00 -45.73 -4.06
N ILE B 28 37.76 -45.32 -3.81
CA ILE B 28 37.49 -44.24 -2.87
C ILE B 28 37.08 -44.86 -1.54
N GLU B 29 37.74 -44.46 -0.47
CA GLU B 29 37.49 -45.11 0.82
C GLU B 29 36.27 -44.62 1.58
N ASN B 30 35.76 -45.47 2.48
CA ASN B 30 34.62 -45.12 3.30
C ASN B 30 34.89 -43.80 4.03
N GLY B 31 33.99 -42.85 3.85
CA GLY B 31 34.13 -41.56 4.51
C GLY B 31 35.26 -40.69 3.99
N GLU B 32 35.82 -41.01 2.82
CA GLU B 32 36.91 -40.20 2.27
C GLU B 32 36.36 -38.95 1.58
N ARG B 33 37.12 -37.86 1.64
CA ARG B 33 36.76 -36.66 0.91
C ARG B 33 37.65 -36.63 -0.32
N PHE B 34 37.13 -37.14 -1.42
CA PHE B 34 37.89 -37.24 -2.66
C PHE B 34 37.48 -36.14 -3.63
N GLY B 35 38.45 -35.57 -4.32
CA GLY B 35 38.19 -34.52 -5.29
C GLY B 35 38.79 -34.79 -6.66
N ILE B 36 38.14 -34.27 -7.68
CA ILE B 36 38.68 -34.33 -9.03
C ILE B 36 38.80 -32.90 -9.56
N LEU B 37 39.99 -32.55 -10.00
CA LEU B 37 40.24 -31.26 -10.61
C LEU B 37 40.53 -31.48 -12.09
N GLY B 38 39.90 -30.67 -12.93
CA GLY B 38 40.09 -30.75 -14.37
C GLY B 38 39.45 -29.57 -15.10
N PRO B 39 40.04 -29.16 -16.20
CA PRO B 39 39.52 -28.05 -17.00
C PRO B 39 38.19 -28.42 -17.67
N SER B 40 37.57 -27.47 -18.34
CA SER B 40 36.32 -27.71 -19.04
C SER B 40 36.51 -28.80 -20.09
N GLY B 41 35.59 -29.77 -20.12
CA GLY B 41 35.65 -30.85 -21.10
C GLY B 41 36.51 -32.04 -20.70
N ALA B 42 37.14 -31.97 -19.54
CA ALA B 42 38.01 -33.06 -19.10
C ALA B 42 37.28 -34.38 -18.84
N GLY B 43 36.01 -34.30 -18.45
CA GLY B 43 35.22 -35.48 -18.16
C GLY B 43 34.63 -35.53 -16.75
N LYS B 44 34.70 -34.42 -16.02
CA LYS B 44 34.21 -34.36 -14.65
C LYS B 44 32.75 -34.78 -14.49
N THR B 45 31.85 -34.12 -15.23
CA THR B 45 30.43 -34.40 -15.10
C THR B 45 30.02 -35.79 -15.58
N THR B 46 30.65 -36.27 -16.64
CA THR B 46 30.41 -37.62 -17.11
C THR B 46 30.71 -38.61 -15.98
N PHE B 47 31.88 -38.47 -15.39
CA PHE B 47 32.31 -39.30 -14.25
C PHE B 47 31.26 -39.24 -13.14
N MET B 48 30.85 -38.03 -12.77
CA MET B 48 29.93 -37.89 -11.64
C MET B 48 28.55 -38.52 -11.94
N ARG B 49 28.09 -38.38 -13.17
CA ARG B 49 26.83 -38.97 -13.61
C ARG B 49 26.89 -40.50 -13.56
N ILE B 50 28.06 -41.06 -13.86
CA ILE B 50 28.26 -42.50 -13.78
C ILE B 50 28.26 -42.96 -12.32
N ILE B 51 28.87 -42.18 -11.43
CA ILE B 51 28.86 -42.51 -10.00
C ILE B 51 27.42 -42.43 -9.44
N ALA B 52 26.65 -41.46 -9.91
CA ALA B 52 25.27 -41.28 -9.48
C ALA B 52 24.34 -42.35 -10.05
N GLY B 53 24.65 -42.81 -11.25
CA GLY B 53 23.84 -43.80 -11.94
C GLY B 53 22.94 -43.16 -12.98
N LEU B 54 23.24 -41.91 -13.33
CA LEU B 54 22.48 -41.20 -14.36
C LEU B 54 23.03 -41.58 -15.74
N ASP B 55 24.14 -42.30 -15.74
CA ASP B 55 24.76 -42.78 -16.96
C ASP B 55 25.55 -44.01 -16.52
N VAL B 56 26.09 -44.75 -17.48
CA VAL B 56 26.88 -45.94 -17.16
C VAL B 56 28.21 -45.94 -17.92
N PRO B 57 29.16 -46.72 -17.44
CA PRO B 57 30.44 -46.91 -18.16
C PRO B 57 30.19 -47.64 -19.47
N SER B 58 30.88 -47.24 -20.54
CA SER B 58 30.77 -47.96 -21.80
C SER B 58 31.40 -49.33 -21.57
N THR B 59 32.58 -49.30 -20.97
CA THR B 59 33.32 -50.51 -20.59
C THR B 59 33.87 -50.26 -19.19
N GLY B 60 34.07 -51.33 -18.42
CA GLY B 60 34.49 -51.19 -17.04
C GLY B 60 33.36 -51.47 -16.06
N GLU B 61 33.66 -51.50 -14.76
CA GLU B 61 32.66 -51.78 -13.75
C GLU B 61 32.70 -50.79 -12.59
N LEU B 62 31.55 -50.61 -11.93
CA LEU B 62 31.45 -49.71 -10.78
C LEU B 62 30.80 -50.47 -9.62
N TYR B 63 31.44 -50.45 -8.46
CA TYR B 63 30.92 -51.12 -7.27
C TYR B 63 30.73 -50.16 -6.09
N PHE B 64 29.65 -50.34 -5.35
CA PHE B 64 29.41 -49.70 -4.09
C PHE B 64 29.58 -50.74 -3.03
N ASP B 65 30.63 -50.66 -2.21
CA ASP B 65 30.99 -51.76 -1.32
C ASP B 65 31.17 -53.03 -2.17
N ASP B 66 30.49 -54.13 -1.85
CA ASP B 66 30.67 -55.32 -2.67
C ASP B 66 29.62 -55.44 -3.79
N ARG B 67 28.76 -54.43 -3.91
CA ARG B 67 27.66 -54.45 -4.87
C ARG B 67 28.01 -53.87 -6.25
N LEU B 68 27.78 -54.65 -7.30
CA LEU B 68 28.04 -54.20 -8.66
C LEU B 68 26.90 -53.30 -9.10
N VAL B 69 27.16 -52.01 -9.33
CA VAL B 69 26.06 -51.10 -9.66
C VAL B 69 25.89 -50.79 -11.16
N ALA B 70 26.94 -50.98 -11.93
CA ALA B 70 26.87 -50.75 -13.37
C ALA B 70 28.05 -51.47 -14.00
N SER B 71 27.89 -51.89 -15.24
CA SER B 71 28.95 -52.63 -15.88
C SER B 71 28.77 -52.73 -17.38
N ASN B 72 29.80 -52.31 -18.11
CA ASN B 72 29.85 -52.44 -19.56
C ASN B 72 28.54 -52.13 -20.27
N GLY B 73 28.02 -50.94 -20.06
CA GLY B 73 26.82 -50.48 -20.74
C GLY B 73 25.51 -50.80 -20.03
N LYS B 74 25.58 -51.54 -18.94
CA LYS B 74 24.36 -51.91 -18.22
C LYS B 74 24.23 -51.25 -16.86
N LEU B 75 23.05 -50.68 -16.61
CA LEU B 75 22.74 -50.11 -15.32
C LEU B 75 22.09 -51.23 -14.51
N ILE B 76 22.75 -51.64 -13.43
CA ILE B 76 22.23 -52.71 -12.60
C ILE B 76 21.47 -52.16 -11.39
N VAL B 77 22.04 -51.15 -10.74
CA VAL B 77 21.41 -50.49 -9.61
C VAL B 77 21.22 -49.01 -9.92
N PRO B 78 19.97 -48.59 -10.03
CA PRO B 78 19.63 -47.21 -10.38
C PRO B 78 19.91 -46.22 -9.26
N PRO B 79 19.90 -44.94 -9.60
CA PRO B 79 20.22 -43.86 -8.66
C PRO B 79 19.42 -43.88 -7.37
N GLU B 80 18.11 -44.13 -7.47
CA GLU B 80 17.25 -44.15 -6.29
C GLU B 80 17.60 -45.25 -5.28
N ASP B 81 18.36 -46.25 -5.72
CA ASP B 81 18.73 -47.35 -4.83
C ASP B 81 20.20 -47.27 -4.35
N ARG B 82 20.88 -46.16 -4.64
CA ARG B 82 22.30 -46.06 -4.32
C ARG B 82 22.67 -45.26 -3.05
N LYS B 83 21.70 -44.65 -2.40
CA LYS B 83 21.96 -43.93 -1.16
C LYS B 83 22.91 -42.75 -1.37
N ILE B 84 22.58 -41.92 -2.36
CA ILE B 84 23.40 -40.78 -2.71
C ILE B 84 22.60 -39.49 -2.56
N GLY B 85 23.31 -38.41 -2.26
CA GLY B 85 22.74 -37.08 -2.23
C GLY B 85 23.49 -36.28 -3.27
N MET B 86 22.79 -35.46 -4.05
CA MET B 86 23.42 -34.72 -5.14
C MET B 86 23.21 -33.21 -5.09
N VAL B 87 24.26 -32.47 -5.40
CA VAL B 87 24.21 -31.02 -5.58
C VAL B 87 25.05 -30.77 -6.82
N PHE B 88 24.38 -30.69 -7.97
CA PHE B 88 25.08 -30.49 -9.23
C PHE B 88 25.01 -29.03 -9.68
N GLN B 89 25.99 -28.63 -10.48
CA GLN B 89 26.12 -27.24 -10.93
C GLN B 89 24.81 -26.62 -11.40
N THR B 90 24.02 -27.37 -12.16
CA THR B 90 22.77 -26.85 -12.71
C THR B 90 21.65 -26.81 -11.68
N TRP B 91 21.94 -27.30 -10.48
CA TRP B 91 20.96 -27.35 -9.41
C TRP B 91 20.09 -26.11 -9.32
N ALA B 92 18.82 -26.33 -9.03
CA ALA B 92 17.84 -25.26 -8.87
C ALA B 92 16.75 -25.76 -7.96
N LEU B 93 16.04 -24.84 -7.33
CA LEU B 93 14.96 -25.18 -6.41
C LEU B 93 13.62 -24.88 -7.07
N TYR B 94 12.59 -25.63 -6.70
CA TYR B 94 11.27 -25.37 -7.26
C TYR B 94 10.84 -23.97 -6.83
N PRO B 95 10.99 -23.02 -7.75
CA PRO B 95 10.71 -21.61 -7.49
C PRO B 95 9.36 -21.42 -6.82
N ASN B 96 8.42 -22.31 -7.10
CA ASN B 96 7.09 -22.23 -6.52
C ASN B 96 6.87 -23.14 -5.33
N LEU B 97 7.94 -23.79 -4.88
CA LEU B 97 7.89 -24.63 -3.70
C LEU B 97 8.72 -23.98 -2.60
N THR B 98 8.18 -23.97 -1.38
CA THR B 98 8.91 -23.41 -0.24
C THR B 98 10.14 -24.24 0.04
N ALA B 99 10.95 -23.76 0.98
CA ALA B 99 12.14 -24.51 1.39
C ALA B 99 11.71 -25.87 1.93
N PHE B 100 10.68 -25.87 2.77
CA PHE B 100 10.18 -27.12 3.32
C PHE B 100 9.80 -28.12 2.23
N GLU B 101 9.00 -27.66 1.27
CA GLU B 101 8.55 -28.49 0.17
C GLU B 101 9.69 -28.95 -0.71
N ASN B 102 10.68 -28.07 -0.91
CA ASN B 102 11.85 -28.43 -1.68
C ASN B 102 12.62 -29.59 -1.03
N ILE B 103 12.79 -29.53 0.28
CA ILE B 103 13.52 -30.56 1.03
C ILE B 103 12.72 -31.85 1.17
N ALA B 104 11.39 -31.75 1.22
CA ALA B 104 10.54 -32.94 1.38
C ALA B 104 10.30 -33.71 0.08
N PHE B 105 10.51 -33.04 -1.04
CA PHE B 105 10.24 -33.64 -2.35
C PHE B 105 10.74 -35.09 -2.51
N PRO B 106 12.04 -35.31 -2.26
CA PRO B 106 12.63 -36.65 -2.40
C PRO B 106 12.03 -37.73 -1.49
N LEU B 107 11.24 -37.35 -0.50
CA LEU B 107 10.62 -38.33 0.39
C LEU B 107 9.21 -38.71 -0.05
N THR B 108 8.75 -38.12 -1.15
CA THR B 108 7.39 -38.34 -1.62
C THR B 108 7.00 -39.81 -1.72
N ASN B 109 7.89 -40.62 -2.28
CA ASN B 109 7.61 -42.03 -2.46
C ASN B 109 8.50 -42.93 -1.62
N MET B 110 8.80 -42.51 -0.40
CA MET B 110 9.66 -43.29 0.49
C MET B 110 8.88 -44.05 1.55
N LYS B 111 7.57 -44.12 1.35
CA LYS B 111 6.70 -44.85 2.28
C LYS B 111 6.72 -44.25 3.68
N MET B 112 6.77 -42.92 3.74
CA MET B 112 6.74 -42.21 5.01
C MET B 112 5.43 -41.43 5.13
N SER B 113 4.84 -41.43 6.32
CA SER B 113 3.60 -40.70 6.56
C SER B 113 3.92 -39.21 6.61
N LYS B 114 2.89 -38.38 6.57
CA LYS B 114 3.08 -36.93 6.61
C LYS B 114 3.88 -36.50 7.83
N GLU B 115 3.61 -37.13 8.97
CA GLU B 115 4.30 -36.78 10.21
C GLU B 115 5.77 -37.21 10.15
N GLU B 116 6.03 -38.38 9.60
CA GLU B 116 7.40 -38.85 9.46
C GLU B 116 8.19 -37.94 8.52
N ILE B 117 7.55 -37.48 7.45
CA ILE B 117 8.20 -36.58 6.52
C ILE B 117 8.54 -35.29 7.25
N ARG B 118 7.55 -34.72 7.93
CA ARG B 118 7.74 -33.45 8.62
C ARG B 118 8.93 -33.50 9.60
N LYS B 119 8.99 -34.56 10.40
CA LYS B 119 10.05 -34.71 11.39
C LYS B 119 11.43 -34.77 10.75
N ARG B 120 11.56 -35.56 9.70
CA ARG B 120 12.84 -35.70 9.02
C ARG B 120 13.27 -34.36 8.42
N VAL B 121 12.34 -33.65 7.81
CA VAL B 121 12.66 -32.36 7.21
C VAL B 121 13.11 -31.36 8.27
N GLU B 122 12.36 -31.25 9.36
CA GLU B 122 12.68 -30.28 10.41
C GLU B 122 14.01 -30.61 11.09
N GLU B 123 14.29 -31.91 11.21
CA GLU B 123 15.55 -32.37 11.79
C GLU B 123 16.74 -31.94 10.93
N VAL B 124 16.63 -32.12 9.62
CA VAL B 124 17.72 -31.72 8.74
C VAL B 124 17.88 -30.19 8.71
N ALA B 125 16.75 -29.49 8.67
CA ALA B 125 16.76 -28.03 8.62
C ALA B 125 17.46 -27.42 9.84
N LYS B 126 17.20 -27.98 11.01
CA LYS B 126 17.84 -27.51 12.24
C LYS B 126 19.35 -27.73 12.17
N ILE B 127 19.75 -28.89 11.67
CA ILE B 127 21.17 -29.16 11.51
C ILE B 127 21.83 -28.12 10.60
N LEU B 128 21.17 -27.80 9.48
CA LEU B 128 21.72 -26.80 8.56
C LEU B 128 21.35 -25.36 8.93
N ASP B 129 20.77 -25.20 10.11
CA ASP B 129 20.38 -23.87 10.59
C ASP B 129 19.52 -23.07 9.59
N ILE B 130 18.54 -23.73 8.96
CA ILE B 130 17.56 -23.05 8.11
C ILE B 130 16.16 -23.36 8.57
N HIS B 131 16.04 -23.91 9.78
CA HIS B 131 14.74 -24.27 10.30
C HIS B 131 13.77 -23.09 10.35
N HIS B 132 14.28 -21.88 10.57
CA HIS B 132 13.44 -20.70 10.70
C HIS B 132 13.00 -20.07 9.38
N VAL B 133 13.44 -20.62 8.25
CA VAL B 133 13.02 -20.08 6.97
C VAL B 133 12.38 -21.16 6.11
N LEU B 134 11.93 -22.23 6.76
CA LEU B 134 11.30 -23.33 6.05
C LEU B 134 10.11 -22.90 5.19
N ASN B 135 9.48 -21.79 5.53
CA ASN B 135 8.32 -21.35 4.76
C ASN B 135 8.62 -20.29 3.70
N HIS B 136 9.89 -19.99 3.47
CA HIS B 136 10.28 -19.05 2.42
C HIS B 136 10.46 -19.75 1.08
N PHE B 137 10.29 -18.97 -0.01
CA PHE B 137 10.55 -19.46 -1.36
C PHE B 137 12.01 -19.16 -1.70
N PRO B 138 12.61 -19.93 -2.61
CA PRO B 138 14.04 -19.77 -2.92
C PRO B 138 14.49 -18.33 -3.16
N ARG B 139 13.70 -17.55 -3.89
CA ARG B 139 14.04 -16.16 -4.18
C ARG B 139 13.97 -15.27 -2.95
N GLU B 140 13.44 -15.79 -1.86
CA GLU B 140 13.31 -15.02 -0.64
C GLU B 140 14.44 -15.34 0.32
N LEU B 141 15.38 -16.16 -0.14
CA LEU B 141 16.49 -16.59 0.69
C LEU B 141 17.78 -15.96 0.21
N SER B 142 18.73 -15.79 1.12
CA SER B 142 20.04 -15.29 0.75
C SER B 142 20.76 -16.37 -0.05
N GLY B 143 21.86 -15.99 -0.70
CA GLY B 143 22.63 -16.93 -1.50
C GLY B 143 23.10 -18.13 -0.70
N GLY B 144 23.39 -17.92 0.58
CA GLY B 144 23.86 -18.98 1.44
C GLY B 144 22.75 -19.86 1.99
N GLN B 145 21.57 -19.27 2.18
CA GLN B 145 20.42 -20.01 2.67
C GLN B 145 19.98 -20.98 1.59
N GLN B 146 20.07 -20.51 0.33
CA GLN B 146 19.73 -21.35 -0.80
C GLN B 146 20.64 -22.56 -0.83
N GLN B 147 21.93 -22.32 -0.60
CA GLN B 147 22.91 -23.38 -0.56
C GLN B 147 22.53 -24.41 0.51
N ARG B 148 22.20 -23.91 1.70
CA ARG B 148 21.81 -24.78 2.81
C ARG B 148 20.55 -25.60 2.49
N VAL B 149 19.61 -25.02 1.74
CA VAL B 149 18.42 -25.76 1.38
C VAL B 149 18.77 -26.84 0.36
N ALA B 150 19.64 -26.52 -0.58
CA ALA B 150 20.09 -27.51 -1.56
C ALA B 150 20.78 -28.67 -0.85
N LEU B 151 21.59 -28.36 0.16
CA LEU B 151 22.28 -29.39 0.95
C LEU B 151 21.30 -30.22 1.76
N ALA B 152 20.35 -29.56 2.42
CA ALA B 152 19.33 -30.26 3.19
C ALA B 152 18.61 -31.25 2.30
N ARG B 153 18.30 -30.83 1.08
CA ARG B 153 17.61 -31.68 0.13
C ARG B 153 18.44 -32.91 -0.21
N ALA B 154 19.72 -32.70 -0.45
CA ALA B 154 20.63 -33.79 -0.80
C ALA B 154 20.79 -34.76 0.37
N LEU B 155 20.53 -34.31 1.59
CA LEU B 155 20.75 -35.14 2.77
C LEU B 155 19.51 -35.72 3.44
N VAL B 156 18.33 -35.44 2.89
CA VAL B 156 17.08 -35.76 3.57
C VAL B 156 16.82 -37.27 3.69
N LYS B 157 17.37 -38.02 2.75
CA LYS B 157 17.22 -39.47 2.74
C LYS B 157 18.37 -40.22 3.42
N ASP B 158 19.21 -39.49 4.16
CA ASP B 158 20.31 -40.10 4.91
C ASP B 158 21.25 -40.90 4.03
N PRO B 159 21.88 -40.25 3.05
CA PRO B 159 22.77 -40.94 2.11
C PRO B 159 24.10 -41.32 2.74
N SER B 160 24.78 -42.28 2.12
CA SER B 160 26.11 -42.67 2.54
C SER B 160 27.12 -41.92 1.68
N LEU B 161 26.65 -41.33 0.58
CA LEU B 161 27.53 -40.67 -0.38
C LEU B 161 27.00 -39.33 -0.88
N LEU B 162 27.84 -38.30 -0.83
CA LEU B 162 27.46 -36.98 -1.29
C LEU B 162 28.29 -36.57 -2.50
N LEU B 163 27.59 -36.20 -3.57
CA LEU B 163 28.22 -35.84 -4.84
C LEU B 163 28.00 -34.37 -5.14
N LEU B 164 29.11 -33.65 -5.38
CA LEU B 164 29.04 -32.23 -5.66
C LEU B 164 29.75 -31.91 -6.97
N ASP B 165 29.01 -31.36 -7.93
CA ASP B 165 29.61 -31.00 -9.22
C ASP B 165 29.61 -29.48 -9.36
N GLU B 166 30.77 -28.88 -9.12
CA GLU B 166 30.94 -27.42 -9.19
C GLU B 166 29.74 -26.72 -8.55
N PRO B 167 29.54 -26.98 -7.27
CA PRO B 167 28.36 -26.51 -6.54
C PRO B 167 28.42 -25.04 -6.11
N PHE B 168 29.61 -24.45 -6.15
CA PHE B 168 29.79 -23.07 -5.71
C PHE B 168 29.95 -22.09 -6.88
N SER B 169 29.17 -22.26 -7.94
CA SER B 169 29.29 -21.39 -9.11
C SER B 169 28.35 -20.18 -9.00
N ASN B 170 27.17 -20.41 -8.47
CA ASN B 170 26.17 -19.37 -8.33
C ASN B 170 26.52 -18.38 -7.23
N LEU B 171 27.48 -18.74 -6.38
CA LEU B 171 27.88 -17.88 -5.28
C LEU B 171 29.01 -16.93 -5.65
N ASP B 172 29.14 -15.85 -4.86
CA ASP B 172 30.19 -14.86 -5.09
C ASP B 172 31.45 -15.29 -4.34
N ALA B 173 32.58 -14.70 -4.71
CA ALA B 173 33.86 -15.09 -4.12
C ALA B 173 33.85 -15.11 -2.60
N ARG B 174 33.26 -14.07 -2.00
CA ARG B 174 33.22 -13.96 -0.55
C ARG B 174 32.45 -15.09 0.10
N MET B 175 31.30 -15.41 -0.49
CA MET B 175 30.44 -16.45 0.03
C MET B 175 30.99 -17.86 -0.23
N ARG B 176 31.97 -17.96 -1.13
CA ARG B 176 32.48 -19.29 -1.49
C ARG B 176 33.24 -19.97 -0.36
N ASP B 177 34.06 -19.20 0.35
CA ASP B 177 34.78 -19.73 1.50
C ASP B 177 33.78 -20.32 2.49
N SER B 178 32.74 -19.55 2.80
CA SER B 178 31.70 -19.99 3.74
C SER B 178 31.08 -21.31 3.32
N ALA B 179 30.69 -21.38 2.05
CA ALA B 179 30.05 -22.57 1.49
C ALA B 179 30.97 -23.78 1.58
N ARG B 180 32.25 -23.56 1.32
CA ARG B 180 33.23 -24.64 1.36
C ARG B 180 33.39 -25.15 2.79
N ALA B 181 33.53 -24.21 3.72
CA ALA B 181 33.66 -24.56 5.13
C ALA B 181 32.47 -25.38 5.60
N LEU B 182 31.26 -24.98 5.21
CA LEU B 182 30.04 -25.70 5.61
C LEU B 182 30.01 -27.13 5.08
N VAL B 183 30.41 -27.31 3.83
CA VAL B 183 30.47 -28.64 3.24
C VAL B 183 31.39 -29.51 4.10
N LYS B 184 32.54 -28.93 4.44
CA LYS B 184 33.54 -29.63 5.23
C LYS B 184 32.94 -30.01 6.58
N GLU B 185 32.25 -29.06 7.21
CA GLU B 185 31.63 -29.27 8.50
C GLU B 185 30.53 -30.33 8.46
N VAL B 186 29.65 -30.24 7.46
CA VAL B 186 28.58 -31.22 7.33
C VAL B 186 29.15 -32.60 7.06
N GLN B 187 30.20 -32.67 6.27
CA GLN B 187 30.82 -33.96 5.96
C GLN B 187 31.41 -34.59 7.22
N SER B 188 32.08 -33.79 8.04
CA SER B 188 32.71 -34.31 9.24
C SER B 188 31.66 -34.80 10.23
N ARG B 189 30.56 -34.06 10.32
CA ARG B 189 29.47 -34.40 11.23
C ARG B 189 28.79 -35.72 10.85
N LEU B 190 28.54 -35.93 9.56
CA LEU B 190 27.83 -37.13 9.12
C LEU B 190 28.71 -38.32 8.74
N GLY B 191 29.96 -38.05 8.37
CA GLY B 191 30.87 -39.12 7.98
C GLY B 191 30.60 -39.75 6.62
N VAL B 192 29.81 -39.08 5.78
CA VAL B 192 29.51 -39.62 4.45
C VAL B 192 30.73 -39.57 3.56
N THR B 193 30.80 -40.49 2.61
CA THR B 193 31.85 -40.43 1.62
C THR B 193 31.49 -39.24 0.75
N LEU B 194 32.49 -38.50 0.30
CA LEU B 194 32.22 -37.30 -0.47
C LEU B 194 33.08 -37.19 -1.72
N LEU B 195 32.41 -36.95 -2.85
CA LEU B 195 33.12 -36.71 -4.10
C LEU B 195 32.77 -35.33 -4.59
N VAL B 196 33.80 -34.52 -4.84
CA VAL B 196 33.59 -33.17 -5.35
C VAL B 196 34.47 -32.96 -6.56
N VAL B 197 33.88 -32.46 -7.64
CA VAL B 197 34.61 -32.20 -8.86
C VAL B 197 34.52 -30.73 -9.20
N SER B 198 35.62 -30.18 -9.70
CA SER B 198 35.66 -28.77 -10.05
C SER B 198 36.82 -28.43 -10.99
N HIS B 199 36.73 -27.26 -11.61
CA HIS B 199 37.80 -26.77 -12.47
C HIS B 199 38.58 -25.75 -11.65
N ASP B 200 38.10 -25.49 -10.45
CA ASP B 200 38.70 -24.52 -9.55
C ASP B 200 39.50 -25.20 -8.44
N PRO B 201 40.80 -24.96 -8.42
CA PRO B 201 41.70 -25.60 -7.45
C PRO B 201 41.33 -25.18 -6.04
N ALA B 202 40.75 -24.00 -5.91
CA ALA B 202 40.34 -23.48 -4.59
C ALA B 202 39.30 -24.37 -3.93
N ASP B 203 38.34 -24.85 -4.71
CA ASP B 203 37.33 -25.76 -4.18
C ASP B 203 37.95 -27.08 -3.74
N ILE B 204 38.90 -27.55 -4.54
CA ILE B 204 39.55 -28.83 -4.28
C ILE B 204 40.37 -28.81 -3.00
N PHE B 205 41.21 -27.79 -2.87
CA PHE B 205 42.09 -27.68 -1.70
C PHE B 205 41.36 -27.42 -0.39
N ALA B 206 40.16 -26.85 -0.47
CA ALA B 206 39.40 -26.55 0.73
C ALA B 206 38.74 -27.80 1.29
N ILE B 207 38.30 -28.68 0.41
CA ILE B 207 37.51 -29.84 0.82
C ILE B 207 38.14 -31.23 0.71
N ALA B 208 38.98 -31.45 -0.29
CA ALA B 208 39.49 -32.80 -0.56
C ALA B 208 40.78 -33.18 0.18
N ASP B 209 40.82 -34.41 0.66
CA ASP B 209 42.00 -34.92 1.34
C ASP B 209 42.88 -35.65 0.34
N ARG B 210 42.25 -36.17 -0.72
CA ARG B 210 42.98 -36.82 -1.79
C ARG B 210 42.36 -36.34 -3.08
N VAL B 211 43.17 -36.11 -4.11
CA VAL B 211 42.64 -35.52 -5.32
C VAL B 211 43.15 -36.19 -6.59
N GLY B 212 42.25 -36.28 -7.57
CA GLY B 212 42.59 -36.81 -8.87
C GLY B 212 42.56 -35.69 -9.90
N VAL B 213 43.55 -35.67 -10.78
CA VAL B 213 43.59 -34.66 -11.82
C VAL B 213 43.20 -35.28 -13.15
N LEU B 214 42.12 -34.79 -13.74
CA LEU B 214 41.59 -35.33 -14.97
C LEU B 214 41.89 -34.40 -16.15
N VAL B 215 42.53 -34.96 -17.19
CA VAL B 215 42.83 -34.20 -18.41
C VAL B 215 42.38 -35.01 -19.64
N LYS B 216 41.49 -34.44 -20.44
CA LYS B 216 40.98 -35.13 -21.62
C LYS B 216 40.62 -36.60 -21.36
N GLY B 217 39.81 -36.84 -20.33
CA GLY B 217 39.34 -38.18 -20.00
C GLY B 217 40.28 -39.10 -19.25
N LYS B 218 41.53 -38.66 -19.09
CA LYS B 218 42.54 -39.47 -18.40
C LYS B 218 42.91 -38.95 -17.02
N LEU B 219 42.93 -39.85 -16.04
CA LEU B 219 43.37 -39.49 -14.70
C LEU B 219 44.89 -39.54 -14.71
N VAL B 220 45.53 -38.38 -14.75
CA VAL B 220 46.99 -38.31 -14.89
C VAL B 220 47.77 -38.34 -13.57
N GLN B 221 47.10 -38.05 -12.46
CA GLN B 221 47.78 -38.01 -11.18
C GLN B 221 46.79 -38.06 -10.03
N VAL B 222 47.22 -38.68 -8.93
CA VAL B 222 46.39 -38.80 -7.75
C VAL B 222 47.28 -38.70 -6.54
N GLY B 223 46.87 -37.89 -5.57
CA GLY B 223 47.63 -37.70 -4.35
C GLY B 223 46.98 -36.65 -3.49
N LYS B 224 47.65 -36.27 -2.40
CA LYS B 224 47.14 -35.19 -1.57
C LYS B 224 47.39 -33.87 -2.31
N PRO B 225 46.55 -32.88 -2.05
CA PRO B 225 46.69 -31.54 -2.66
C PRO B 225 48.12 -30.98 -2.63
N GLU B 226 48.74 -30.98 -1.46
CA GLU B 226 50.11 -30.48 -1.33
C GLU B 226 51.08 -31.26 -2.22
N ASP B 227 50.88 -32.58 -2.32
CA ASP B 227 51.71 -33.43 -3.16
C ASP B 227 51.62 -33.03 -4.63
N LEU B 228 50.40 -32.77 -5.08
CA LEU B 228 50.19 -32.35 -6.45
C LEU B 228 50.80 -30.98 -6.67
N TYR B 229 50.67 -30.13 -5.66
CA TYR B 229 51.16 -28.77 -5.73
C TYR B 229 52.68 -28.71 -5.84
N ASP B 230 53.35 -29.51 -5.02
CA ASP B 230 54.81 -29.51 -4.99
C ASP B 230 55.45 -30.50 -5.96
N ASN B 231 54.74 -31.58 -6.26
CA ASN B 231 55.29 -32.61 -7.15
C ASN B 231 54.38 -32.99 -8.32
N PRO B 232 54.08 -32.02 -9.17
CA PRO B 232 53.19 -32.26 -10.32
C PRO B 232 53.87 -33.16 -11.34
N VAL B 233 53.09 -34.02 -11.98
CA VAL B 233 53.62 -34.99 -12.94
C VAL B 233 54.01 -34.37 -14.27
N SER B 234 53.45 -33.20 -14.55
CA SER B 234 53.71 -32.50 -15.81
C SER B 234 53.52 -31.01 -15.59
N ILE B 235 53.95 -30.19 -16.55
CA ILE B 235 53.80 -28.75 -16.42
C ILE B 235 52.33 -28.33 -16.47
N GLN B 236 51.50 -29.12 -17.16
CA GLN B 236 50.06 -28.80 -17.24
C GLN B 236 49.39 -28.99 -15.88
N VAL B 237 49.67 -30.10 -15.23
CA VAL B 237 49.13 -30.33 -13.90
C VAL B 237 49.62 -29.21 -12.98
N ALA B 238 50.92 -28.93 -13.04
CA ALA B 238 51.51 -27.85 -12.24
C ALA B 238 50.74 -26.55 -12.36
N SER B 239 50.40 -26.16 -13.58
CA SER B 239 49.68 -24.91 -13.81
C SER B 239 48.19 -25.03 -13.50
N LEU B 240 47.65 -26.25 -13.60
CA LEU B 240 46.25 -26.46 -13.26
C LEU B 240 46.01 -26.25 -11.76
N ILE B 241 46.94 -26.71 -10.94
CA ILE B 241 46.75 -26.63 -9.49
C ILE B 241 47.25 -25.33 -8.86
N GLY B 242 47.90 -24.48 -9.65
CA GLY B 242 48.37 -23.22 -9.13
C GLY B 242 49.22 -22.39 -10.08
N GLU B 243 49.47 -21.15 -9.70
CA GLU B 243 50.31 -20.24 -10.47
C GLU B 243 51.72 -20.76 -10.60
N ILE B 244 52.29 -20.64 -11.80
CA ILE B 244 53.65 -21.08 -12.02
C ILE B 244 54.28 -20.48 -13.26
N ASN B 245 55.58 -20.18 -13.17
CA ASN B 245 56.35 -19.72 -14.31
C ASN B 245 56.82 -20.92 -15.12
N GLU B 246 56.58 -20.88 -16.42
CA GLU B 246 57.02 -21.93 -17.33
C GLU B 246 58.10 -21.41 -18.26
N LEU B 247 59.29 -22.00 -18.18
CA LEU B 247 60.40 -21.58 -19.04
C LEU B 247 61.09 -22.77 -19.68
N GLU B 248 61.50 -22.60 -20.94
CA GLU B 248 62.19 -23.65 -21.68
C GLU B 248 63.69 -23.36 -21.82
N GLY B 249 64.50 -24.40 -21.76
CA GLY B 249 65.95 -24.26 -21.87
C GLY B 249 66.65 -25.50 -22.40
N LYS B 250 67.98 -25.44 -22.41
CA LYS B 250 68.79 -26.56 -22.89
C LYS B 250 69.53 -27.25 -21.73
N VAL B 251 69.64 -28.57 -21.80
CA VAL B 251 70.27 -29.34 -20.75
C VAL B 251 71.78 -29.47 -20.92
N THR B 252 72.52 -29.07 -19.89
CA THR B 252 73.98 -29.14 -19.91
C THR B 252 74.50 -29.93 -18.71
N ASN B 253 75.81 -30.11 -18.65
CA ASN B 253 76.43 -30.88 -17.58
C ASN B 253 76.30 -30.20 -16.23
N GLU B 254 75.93 -28.93 -16.23
CA GLU B 254 75.79 -28.18 -15.00
C GLU B 254 74.35 -27.83 -14.64
N GLY B 255 73.43 -28.11 -15.56
CA GLY B 255 72.03 -27.82 -15.34
C GLY B 255 71.32 -27.29 -16.57
N VAL B 256 70.11 -26.77 -16.37
CA VAL B 256 69.34 -26.20 -17.46
C VAL B 256 69.66 -24.71 -17.59
N VAL B 257 70.12 -24.32 -18.77
CA VAL B 257 70.54 -22.94 -19.02
C VAL B 257 69.49 -22.13 -19.77
N ILE B 258 69.21 -20.93 -19.26
CA ILE B 258 68.24 -20.04 -19.87
C ILE B 258 68.79 -18.62 -19.86
N GLY B 259 69.53 -18.28 -20.91
CA GLY B 259 70.19 -16.99 -20.95
C GLY B 259 71.22 -16.99 -19.83
N SER B 260 71.17 -15.97 -18.98
CA SER B 260 72.11 -15.86 -17.86
C SER B 260 71.71 -16.72 -16.66
N LEU B 261 70.58 -17.42 -16.76
CA LEU B 261 70.14 -18.24 -15.65
C LEU B 261 70.50 -19.71 -15.81
N ARG B 262 70.90 -20.32 -14.71
CA ARG B 262 71.25 -21.74 -14.69
C ARG B 262 70.60 -22.43 -13.50
N PHE B 263 69.71 -23.37 -13.78
CA PHE B 263 69.03 -24.13 -12.74
C PHE B 263 69.69 -25.49 -12.58
N PRO B 264 70.01 -25.86 -11.34
CA PRO B 264 70.76 -27.07 -11.00
C PRO B 264 69.91 -28.34 -11.09
N VAL B 265 69.35 -28.65 -12.25
CA VAL B 265 68.52 -29.83 -12.43
C VAL B 265 68.77 -30.40 -13.81
N SER B 266 68.36 -31.63 -14.04
CA SER B 266 68.57 -32.27 -15.33
C SER B 266 67.46 -33.17 -15.81
N VAL B 267 67.33 -33.26 -17.14
CA VAL B 267 66.35 -34.14 -17.78
C VAL B 267 67.03 -34.90 -18.92
N SER B 268 66.49 -36.08 -19.25
CA SER B 268 67.09 -36.93 -20.27
C SER B 268 66.87 -36.46 -21.71
N SER B 269 66.54 -35.19 -21.89
CA SER B 269 66.34 -34.64 -23.23
C SER B 269 67.31 -33.50 -23.51
N ASP B 270 67.45 -33.12 -24.78
CA ASP B 270 68.33 -32.02 -25.14
C ASP B 270 67.82 -30.72 -24.55
N ARG B 271 66.50 -30.59 -24.47
CA ARG B 271 65.88 -29.38 -23.92
C ARG B 271 64.92 -29.73 -22.79
N ALA B 272 64.63 -28.75 -21.95
CA ALA B 272 63.78 -28.99 -20.79
C ALA B 272 62.87 -27.81 -20.48
N ILE B 273 61.83 -28.08 -19.69
CA ILE B 273 60.92 -27.05 -19.24
C ILE B 273 61.10 -26.90 -17.73
N ILE B 274 61.36 -25.68 -17.30
CA ILE B 274 61.52 -25.42 -15.87
C ILE B 274 60.21 -24.82 -15.36
N GLY B 275 59.79 -25.32 -14.19
CA GLY B 275 58.60 -24.79 -13.54
C GLY B 275 59.01 -24.25 -12.18
N ILE B 276 58.78 -22.96 -11.97
CA ILE B 276 59.07 -22.34 -10.69
C ILE B 276 57.92 -21.40 -10.32
N ARG B 277 57.26 -21.67 -9.21
CA ARG B 277 56.14 -20.84 -8.75
C ARG B 277 56.64 -19.49 -8.24
N PRO B 278 55.82 -18.45 -8.38
CA PRO B 278 56.22 -17.09 -7.98
C PRO B 278 56.72 -17.00 -6.53
N GLU B 279 56.11 -17.74 -5.62
CA GLU B 279 56.53 -17.68 -4.21
C GLU B 279 57.93 -18.26 -4.00
N ASP B 280 58.41 -19.03 -4.97
CA ASP B 280 59.74 -19.65 -4.87
C ASP B 280 60.82 -18.87 -5.63
N VAL B 281 60.56 -17.59 -5.87
CA VAL B 281 61.49 -16.71 -6.57
C VAL B 281 61.74 -15.48 -5.73
N LYS B 282 62.99 -15.06 -5.63
CA LYS B 282 63.33 -13.88 -4.85
C LYS B 282 64.38 -13.07 -5.60
N LEU B 283 64.18 -11.75 -5.67
CA LEU B 283 65.12 -10.89 -6.38
C LEU B 283 65.85 -9.93 -5.43
N SER B 284 67.08 -9.55 -5.77
CA SER B 284 67.79 -8.58 -4.93
C SER B 284 68.99 -7.98 -5.62
N LYS B 285 69.42 -6.83 -5.12
CA LYS B 285 70.56 -6.11 -5.66
C LYS B 285 71.83 -6.52 -4.93
N ASP B 286 71.67 -7.29 -3.86
CA ASP B 286 72.80 -7.77 -3.07
C ASP B 286 72.73 -9.29 -2.90
N VAL B 287 73.87 -9.92 -2.65
CA VAL B 287 73.89 -11.37 -2.50
C VAL B 287 73.08 -11.76 -1.26
N ILE B 288 72.44 -12.92 -1.32
CA ILE B 288 71.66 -13.40 -0.20
C ILE B 288 72.39 -14.54 0.50
N LYS B 289 72.82 -14.28 1.73
CA LYS B 289 73.55 -15.28 2.50
C LYS B 289 72.58 -16.25 3.17
N ASP B 290 71.48 -16.56 2.47
CA ASP B 290 70.54 -17.52 3.01
C ASP B 290 70.78 -18.90 2.42
N ASP B 291 70.77 -19.88 3.31
CA ASP B 291 70.93 -21.28 2.97
C ASP B 291 69.68 -21.82 2.28
N SER B 292 68.55 -21.14 2.49
CA SER B 292 67.28 -21.57 1.93
C SER B 292 67.09 -21.07 0.50
N TRP B 293 67.94 -20.13 0.09
CA TRP B 293 67.86 -19.58 -1.26
C TRP B 293 69.12 -19.89 -2.09
N ILE B 294 68.94 -20.11 -3.38
CA ILE B 294 70.09 -20.39 -4.25
C ILE B 294 70.15 -19.47 -5.46
N LEU B 295 71.33 -18.94 -5.72
CA LEU B 295 71.55 -18.04 -6.85
C LEU B 295 71.52 -18.82 -8.15
N VAL B 296 70.73 -18.36 -9.11
CA VAL B 296 70.67 -19.00 -10.42
C VAL B 296 71.18 -18.11 -11.54
N GLY B 297 71.44 -16.85 -11.23
CA GLY B 297 72.00 -15.93 -12.21
C GLY B 297 71.45 -14.52 -12.13
N LYS B 298 71.95 -13.64 -13.00
CA LYS B 298 71.44 -12.28 -13.06
C LYS B 298 70.25 -12.18 -13.99
N GLY B 299 69.48 -11.11 -13.85
CA GLY B 299 68.34 -10.84 -14.69
C GLY B 299 68.07 -9.36 -14.70
N LYS B 300 67.05 -8.94 -15.46
CA LYS B 300 66.69 -7.52 -15.56
C LYS B 300 65.16 -7.36 -15.51
N VAL B 301 64.69 -6.42 -14.69
CA VAL B 301 63.25 -6.18 -14.57
C VAL B 301 62.69 -5.66 -15.89
N LYS B 302 61.66 -6.33 -16.38
CA LYS B 302 61.05 -5.95 -17.66
C LYS B 302 59.87 -5.02 -17.46
N VAL B 303 59.04 -5.31 -16.46
CA VAL B 303 57.86 -4.51 -16.20
C VAL B 303 57.33 -4.80 -14.82
N ILE B 304 56.63 -3.84 -14.25
CA ILE B 304 56.07 -4.04 -12.92
C ILE B 304 54.59 -3.73 -12.92
N GLY B 305 53.84 -4.51 -12.15
CA GLY B 305 52.40 -4.31 -12.02
C GLY B 305 52.05 -4.22 -10.55
N TYR B 306 50.80 -3.87 -10.26
CA TYR B 306 50.36 -3.74 -8.88
C TYR B 306 48.95 -4.26 -8.72
N GLN B 307 48.77 -5.18 -7.79
CA GLN B 307 47.46 -5.76 -7.55
C GLN B 307 47.36 -6.37 -6.15
N GLY B 308 46.18 -6.25 -5.54
CA GLY B 308 45.95 -6.82 -4.23
C GLY B 308 46.96 -6.37 -3.21
N GLY B 309 47.30 -5.09 -3.25
CA GLY B 309 48.23 -4.51 -2.29
C GLY B 309 49.68 -4.89 -2.48
N LEU B 310 49.99 -5.64 -3.52
CA LEU B 310 51.38 -6.01 -3.74
C LEU B 310 51.85 -5.92 -5.19
N PHE B 311 53.15 -5.76 -5.35
CA PHE B 311 53.75 -5.63 -6.66
C PHE B 311 53.99 -6.97 -7.31
N ARG B 312 53.76 -6.99 -8.62
CA ARG B 312 54.03 -8.16 -9.44
C ARG B 312 55.19 -7.76 -10.33
N ILE B 313 56.35 -8.35 -10.07
CA ILE B 313 57.55 -7.99 -10.81
C ILE B 313 57.91 -9.06 -11.84
N THR B 314 58.06 -8.64 -13.10
CA THR B 314 58.44 -9.55 -14.18
C THR B 314 59.86 -9.25 -14.68
N ILE B 315 60.66 -10.30 -14.85
CA ILE B 315 62.03 -10.17 -15.32
C ILE B 315 62.33 -11.14 -16.45
N THR B 316 63.48 -10.94 -17.10
CA THR B 316 64.01 -11.90 -18.06
C THR B 316 65.46 -12.11 -17.69
N PRO B 317 66.02 -13.26 -18.06
CA PRO B 317 67.46 -13.48 -17.89
C PRO B 317 68.17 -12.45 -18.77
N LEU B 318 69.42 -12.16 -18.47
CA LEU B 318 70.17 -11.15 -19.22
C LEU B 318 70.19 -11.35 -20.74
N ASP B 319 70.07 -12.59 -21.20
CA ASP B 319 70.18 -12.86 -22.63
C ASP B 319 69.09 -13.74 -23.23
N SER B 320 67.83 -13.38 -22.98
CA SER B 320 66.70 -14.11 -23.56
C SER B 320 65.39 -13.40 -23.26
N GLU B 321 64.30 -13.91 -23.80
CA GLU B 321 63.00 -13.30 -23.58
C GLU B 321 62.09 -14.13 -22.69
N GLU B 322 62.61 -15.19 -22.09
CA GLU B 322 61.82 -15.99 -21.18
C GLU B 322 61.45 -15.13 -19.98
N GLU B 323 60.22 -15.25 -19.52
CA GLU B 323 59.77 -14.43 -18.39
C GLU B 323 59.64 -15.19 -17.07
N ILE B 324 59.81 -14.45 -15.98
CA ILE B 324 59.59 -14.98 -14.65
C ILE B 324 58.94 -13.85 -13.85
N PHE B 325 57.80 -14.11 -13.25
CA PHE B 325 57.19 -13.08 -12.41
C PHE B 325 57.15 -13.58 -10.98
N THR B 326 57.06 -12.61 -10.06
CA THR B 326 57.02 -12.88 -8.64
C THR B 326 56.38 -11.66 -7.94
N TYR B 327 55.95 -11.85 -6.71
CA TYR B 327 55.27 -10.80 -5.95
C TYR B 327 56.09 -10.32 -4.76
N SER B 328 56.00 -9.04 -4.44
CA SER B 328 56.73 -8.48 -3.30
C SER B 328 56.07 -7.20 -2.80
N ASP B 329 56.36 -6.85 -1.54
CA ASP B 329 55.84 -5.64 -0.91
C ASP B 329 56.57 -4.38 -1.36
N HIS B 330 57.71 -4.57 -2.02
CA HIS B 330 58.52 -3.45 -2.47
C HIS B 330 58.79 -3.56 -3.96
N PRO B 331 58.78 -2.43 -4.64
CA PRO B 331 58.94 -2.41 -6.09
C PRO B 331 60.38 -2.31 -6.52
N ILE B 332 60.67 -2.83 -7.71
CA ILE B 332 61.92 -2.67 -8.36
C ILE B 332 61.57 -2.23 -9.74
N HIS B 333 62.21 -1.19 -10.24
CA HIS B 333 61.76 -0.55 -11.47
C HIS B 333 62.32 -1.14 -12.76
N SER B 334 61.60 -0.91 -13.86
CA SER B 334 61.99 -1.45 -15.14
C SER B 334 63.42 -1.05 -15.47
N GLY B 335 64.17 -1.98 -16.05
CA GLY B 335 65.54 -1.71 -16.47
C GLY B 335 66.59 -2.06 -15.44
N GLU B 336 66.16 -2.26 -14.20
CA GLU B 336 67.10 -2.60 -13.13
C GLU B 336 67.58 -4.04 -13.24
N GLU B 337 68.90 -4.23 -13.12
CA GLU B 337 69.46 -5.57 -13.13
C GLU B 337 69.35 -6.09 -11.71
N VAL B 338 69.03 -7.37 -11.56
CA VAL B 338 68.92 -7.97 -10.24
C VAL B 338 69.47 -9.39 -10.20
N LEU B 339 69.72 -9.87 -8.99
CA LEU B 339 70.14 -11.25 -8.78
C LEU B 339 68.84 -12.05 -8.63
N VAL B 340 68.83 -13.23 -9.20
CA VAL B 340 67.64 -14.08 -9.16
C VAL B 340 67.90 -15.31 -8.29
N TYR B 341 67.11 -15.45 -7.24
CA TYR B 341 67.21 -16.61 -6.33
C TYR B 341 65.94 -17.45 -6.39
N VAL B 342 66.09 -18.75 -6.13
CA VAL B 342 64.96 -19.66 -6.05
C VAL B 342 65.14 -20.64 -4.90
N ARG B 343 64.04 -21.13 -4.37
CA ARG B 343 64.13 -22.18 -3.35
C ARG B 343 64.50 -23.44 -4.12
N LYS B 344 65.69 -24.00 -3.87
CA LYS B 344 66.17 -25.12 -4.68
C LYS B 344 65.32 -26.38 -4.69
N ASP B 345 64.82 -26.79 -3.53
CA ASP B 345 64.00 -27.99 -3.49
C ASP B 345 62.66 -27.76 -4.19
N LYS B 346 62.44 -26.53 -4.67
CA LYS B 346 61.16 -26.17 -5.29
C LYS B 346 61.16 -26.10 -6.83
N ILE B 347 62.32 -26.32 -7.44
CA ILE B 347 62.38 -26.31 -8.90
C ILE B 347 61.73 -27.56 -9.49
N LYS B 348 60.81 -27.37 -10.43
CA LYS B 348 60.22 -28.49 -11.16
C LYS B 348 60.82 -28.53 -12.57
N VAL B 349 61.00 -29.73 -13.10
CA VAL B 349 61.59 -29.87 -14.42
C VAL B 349 61.02 -31.06 -15.16
N PHE B 350 60.77 -30.89 -16.46
CA PHE B 350 60.23 -31.97 -17.28
C PHE B 350 60.92 -31.94 -18.63
N GLU B 351 60.74 -33.01 -19.39
CA GLU B 351 61.32 -33.10 -20.72
C GLU B 351 60.40 -32.38 -21.69
N LYS B 352 60.99 -31.63 -22.62
CA LYS B 352 60.20 -30.95 -23.63
C LYS B 352 59.99 -31.89 -24.82
N ASN B 353 58.77 -31.93 -25.32
CA ASN B 353 58.43 -32.78 -26.45
C ASN B 353 57.21 -32.30 -27.21
N MET C 1 -49.76 16.10 19.85
CA MET C 1 -50.54 14.91 20.30
C MET C 1 -50.50 13.81 19.25
N VAL C 2 -49.95 14.11 18.09
CA VAL C 2 -49.90 13.13 17.01
C VAL C 2 -48.60 13.25 16.23
N ARG C 3 -47.97 12.11 15.95
CA ARG C 3 -46.75 12.11 15.16
C ARG C 3 -47.09 11.95 13.70
N ILE C 4 -46.41 12.70 12.84
CA ILE C 4 -46.66 12.65 11.40
C ILE C 4 -45.44 12.07 10.71
N ILE C 5 -45.61 10.91 10.09
CA ILE C 5 -44.48 10.27 9.42
C ILE C 5 -44.66 10.32 7.91
N VAL C 6 -43.77 11.05 7.25
CA VAL C 6 -43.81 11.20 5.79
C VAL C 6 -42.70 10.36 5.18
N LYS C 7 -43.06 9.32 4.43
CA LYS C 7 -42.06 8.40 3.87
C LYS C 7 -42.04 8.38 2.34
N ASN C 8 -40.96 8.87 1.75
CA ASN C 8 -40.79 8.83 0.30
C ASN C 8 -42.00 9.36 -0.46
N VAL C 9 -42.52 10.50 -0.02
CA VAL C 9 -43.69 11.08 -0.67
C VAL C 9 -43.35 11.92 -1.88
N SER C 10 -43.97 11.55 -3.00
CA SER C 10 -43.87 12.31 -4.24
C SER C 10 -45.26 12.69 -4.71
N LYS C 11 -45.37 13.77 -5.49
CA LYS C 11 -46.64 14.16 -6.06
C LYS C 11 -46.42 14.80 -7.42
N VAL C 12 -47.06 14.22 -8.43
CA VAL C 12 -46.94 14.77 -9.78
C VAL C 12 -48.25 15.36 -10.29
N PHE C 13 -48.15 16.25 -11.27
CA PHE C 13 -49.30 16.85 -11.92
C PHE C 13 -49.05 16.82 -13.42
N LYS C 14 -50.08 17.15 -14.19
CA LYS C 14 -49.93 17.22 -15.63
C LYS C 14 -49.47 15.89 -16.20
N LYS C 15 -50.13 14.81 -15.79
CA LYS C 15 -49.80 13.48 -16.28
C LYS C 15 -48.32 13.13 -16.10
N GLY C 16 -47.71 13.62 -15.02
CA GLY C 16 -46.32 13.30 -14.73
C GLY C 16 -45.28 14.35 -15.12
N LYS C 17 -45.68 15.31 -15.92
CA LYS C 17 -44.72 16.31 -16.38
C LYS C 17 -44.21 17.19 -15.24
N VAL C 18 -45.07 17.46 -14.26
CA VAL C 18 -44.68 18.34 -13.17
C VAL C 18 -44.58 17.56 -11.86
N VAL C 19 -43.39 17.62 -11.25
CA VAL C 19 -43.12 16.94 -9.99
C VAL C 19 -43.12 18.02 -8.92
N ALA C 20 -44.24 18.13 -8.23
CA ALA C 20 -44.44 19.14 -7.20
C ALA C 20 -43.71 18.79 -5.91
N LEU C 21 -43.66 17.50 -5.60
CA LEU C 21 -42.95 17.02 -4.42
C LEU C 21 -42.14 15.80 -4.87
N ASP C 22 -40.88 15.74 -4.47
CA ASP C 22 -39.98 14.68 -4.90
C ASP C 22 -39.32 13.96 -3.73
N ASN C 23 -39.78 12.75 -3.44
CA ASN C 23 -39.21 11.92 -2.38
C ASN C 23 -38.98 12.60 -1.04
N VAL C 24 -40.04 13.21 -0.52
CA VAL C 24 -39.99 13.91 0.76
C VAL C 24 -40.07 12.96 1.96
N ASN C 25 -39.13 13.11 2.88
CA ASN C 25 -39.10 12.30 4.10
C ASN C 25 -38.97 13.21 5.32
N ILE C 26 -39.90 13.05 6.26
CA ILE C 26 -39.87 13.82 7.49
C ILE C 26 -40.61 13.09 8.57
N ASN C 27 -40.10 13.20 9.80
CA ASN C 27 -40.74 12.63 10.97
C ASN C 27 -41.04 13.77 11.95
N ILE C 28 -42.29 14.25 11.94
CA ILE C 28 -42.72 15.34 12.81
C ILE C 28 -43.24 14.79 14.13
N GLU C 29 -42.61 15.20 15.23
CA GLU C 29 -42.93 14.67 16.55
C GLU C 29 -44.28 15.14 17.09
N ASN C 30 -44.87 14.35 17.99
CA ASN C 30 -46.15 14.75 18.58
C ASN C 30 -45.98 16.01 19.42
N GLY C 31 -46.85 17.00 19.20
CA GLY C 31 -46.78 18.26 19.91
C GLY C 31 -45.65 19.20 19.51
N GLU C 32 -44.91 18.83 18.47
CA GLU C 32 -43.82 19.66 17.94
C GLU C 32 -44.32 20.86 17.12
N ARG C 33 -43.55 21.94 17.14
CA ARG C 33 -43.82 23.10 16.28
C ARG C 33 -42.84 22.99 15.13
N PHE C 34 -43.36 22.56 13.98
CA PHE C 34 -42.53 22.32 12.81
C PHE C 34 -42.89 23.27 11.68
N GLY C 35 -41.87 23.82 11.03
CA GLY C 35 -42.11 24.78 9.95
C GLY C 35 -41.44 24.38 8.64
N ILE C 36 -42.09 24.73 7.53
CA ILE C 36 -41.50 24.51 6.21
C ILE C 36 -41.36 25.87 5.54
N LEU C 37 -40.14 26.17 5.14
CA LEU C 37 -39.70 27.38 4.51
C LEU C 37 -39.46 27.11 3.04
N GLY C 38 -40.02 27.88 2.11
CA GLY C 38 -39.78 27.67 0.70
C GLY C 38 -40.39 28.75 -0.18
N PRO C 39 -39.73 29.01 -1.30
CA PRO C 39 -40.19 30.03 -2.24
C PRO C 39 -41.51 29.65 -2.90
N SER C 40 -42.15 30.61 -3.53
CA SER C 40 -43.38 30.37 -4.27
C SER C 40 -43.16 29.25 -5.29
N GLY C 41 -44.03 28.25 -5.28
CA GLY C 41 -43.93 27.14 -6.21
C GLY C 41 -43.08 25.98 -5.74
N ALA C 42 -42.53 26.09 -4.54
CA ALA C 42 -41.71 25.01 -3.97
C ALA C 42 -42.48 23.73 -3.68
N GLY C 43 -43.79 23.85 -3.45
CA GLY C 43 -44.63 22.69 -3.14
C GLY C 43 -45.23 22.69 -1.74
N LYS C 44 -45.18 23.83 -1.07
CA LYS C 44 -45.70 23.94 0.31
C LYS C 44 -47.18 23.56 0.45
N THR C 45 -48.02 24.13 -0.39
CA THR C 45 -49.45 23.87 -0.29
C THR C 45 -49.78 22.44 -0.72
N THR C 46 -49.07 21.96 -1.73
CA THR C 46 -49.26 20.59 -2.15
C THR C 46 -49.00 19.70 -0.93
N PHE C 47 -47.92 19.99 -0.22
CA PHE C 47 -47.53 19.21 0.96
C PHE C 47 -48.62 19.28 2.03
N MET C 48 -49.10 20.48 2.33
CA MET C 48 -50.11 20.64 3.38
C MET C 48 -51.44 19.96 3.00
N ARG C 49 -51.83 19.99 1.74
CA ARG C 49 -53.07 19.35 1.31
C ARG C 49 -52.99 17.84 1.50
N ILE C 50 -51.82 17.27 1.26
CA ILE C 50 -51.60 15.84 1.47
C ILE C 50 -51.65 15.50 2.96
N ILE C 51 -51.06 16.35 3.78
CA ILE C 51 -51.12 16.12 5.23
C ILE C 51 -52.57 16.22 5.70
N ALA C 52 -53.30 17.19 5.18
CA ALA C 52 -54.70 17.37 5.55
C ALA C 52 -55.60 16.25 5.02
N GLY C 53 -55.20 15.62 3.92
CA GLY C 53 -56.00 14.57 3.32
C GLY C 53 -56.85 15.07 2.15
N LEU C 54 -56.65 16.32 1.77
CA LEU C 54 -57.34 16.91 0.61
C LEU C 54 -56.75 16.37 -0.69
N ASP C 55 -55.57 15.76 -0.61
CA ASP C 55 -54.93 15.18 -1.77
C ASP C 55 -54.11 14.01 -1.25
N VAL C 56 -53.55 13.21 -2.15
CA VAL C 56 -52.74 12.08 -1.74
C VAL C 56 -51.41 12.07 -2.46
N PRO C 57 -50.42 11.37 -1.90
CA PRO C 57 -49.14 11.17 -2.55
C PRO C 57 -49.31 10.36 -3.83
N SER C 58 -48.58 10.68 -4.89
CA SER C 58 -48.63 9.87 -6.11
C SER C 58 -47.94 8.56 -5.78
N THR C 59 -46.79 8.68 -5.11
CA THR C 59 -46.02 7.53 -4.63
C THR C 59 -45.57 7.89 -3.20
N GLY C 60 -45.37 6.88 -2.37
CA GLY C 60 -44.98 7.10 -0.99
C GLY C 60 -46.12 6.87 0.01
N GLU C 61 -45.83 7.00 1.30
CA GLU C 61 -46.81 6.74 2.35
C GLU C 61 -46.85 7.83 3.44
N LEU C 62 -47.99 7.92 4.12
CA LEU C 62 -48.21 8.89 5.19
C LEU C 62 -48.86 8.24 6.40
N TYR C 63 -48.25 8.39 7.57
CA TYR C 63 -48.77 7.81 8.80
C TYR C 63 -49.02 8.88 9.85
N PHE C 64 -50.11 8.72 10.59
CA PHE C 64 -50.35 9.49 11.77
C PHE C 64 -50.19 8.54 12.90
N ASP C 65 -49.18 8.75 13.73
CA ASP C 65 -48.77 7.74 14.71
C ASP C 65 -48.51 6.44 13.92
N ASP C 66 -49.15 5.35 14.28
CA ASP C 66 -48.92 4.10 13.57
C ASP C 66 -50.04 3.81 12.57
N ARG C 67 -50.86 4.81 12.29
CA ARG C 67 -51.99 4.66 11.38
C ARG C 67 -51.66 5.13 9.97
N LEU C 68 -51.74 4.20 9.02
CA LEU C 68 -51.54 4.54 7.63
C LEU C 68 -52.75 5.35 7.19
N VAL C 69 -52.54 6.52 6.59
CA VAL C 69 -53.66 7.37 6.18
C VAL C 69 -53.70 7.62 4.66
N ALA C 70 -52.58 7.43 3.98
CA ALA C 70 -52.53 7.55 2.52
C ALA C 70 -51.36 6.75 2.00
N SER C 71 -51.54 6.11 0.85
CA SER C 71 -50.48 5.30 0.26
C SER C 71 -50.58 5.18 -1.26
N ASN C 72 -49.53 5.64 -1.93
CA ASN C 72 -49.39 5.51 -3.38
C ASN C 72 -50.65 5.75 -4.19
N GLY C 73 -51.22 6.95 -4.05
CA GLY C 73 -52.37 7.34 -4.85
C GLY C 73 -53.69 6.97 -4.23
N LYS C 74 -53.62 6.31 -3.08
CA LYS C 74 -54.81 5.84 -2.40
C LYS C 74 -55.02 6.53 -1.06
N LEU C 75 -56.25 6.97 -0.81
CA LEU C 75 -56.64 7.62 0.43
C LEU C 75 -57.14 6.54 1.39
N ILE C 76 -56.44 6.35 2.50
CA ILE C 76 -56.79 5.30 3.47
C ILE C 76 -57.69 5.82 4.59
N VAL C 77 -57.37 7.01 5.08
CA VAL C 77 -58.15 7.65 6.13
C VAL C 77 -58.47 9.04 5.61
N PRO C 78 -59.75 9.29 5.34
CA PRO C 78 -60.20 10.57 4.77
C PRO C 78 -59.94 11.75 5.71
N PRO C 79 -59.90 12.95 5.15
CA PRO C 79 -59.65 14.16 5.93
C PRO C 79 -60.58 14.29 7.14
N GLU C 80 -61.84 13.92 6.96
CA GLU C 80 -62.80 14.04 8.05
C GLU C 80 -62.50 13.13 9.26
N ASP C 81 -61.71 12.08 9.04
CA ASP C 81 -61.36 11.18 10.15
C ASP C 81 -59.96 11.42 10.73
N ARG C 82 -59.33 12.53 10.36
CA ARG C 82 -57.93 12.77 10.75
C ARG C 82 -57.66 13.64 11.99
N LYS C 83 -58.68 14.28 12.53
CA LYS C 83 -58.49 15.16 13.70
C LYS C 83 -57.52 16.32 13.41
N ILE C 84 -57.81 17.06 12.35
CA ILE C 84 -56.97 18.18 11.93
C ILE C 84 -57.78 19.47 11.88
N GLY C 85 -57.14 20.58 12.23
CA GLY C 85 -57.72 21.91 12.09
C GLY C 85 -56.89 22.63 11.04
N MET C 86 -57.51 23.47 10.22
CA MET C 86 -56.75 24.15 9.17
C MET C 86 -57.04 25.64 9.02
N VAL C 87 -55.98 26.40 8.73
CA VAL C 87 -56.12 27.81 8.33
C VAL C 87 -55.23 27.95 7.08
N PHE C 88 -55.85 28.01 5.91
CA PHE C 88 -55.07 28.08 4.66
C PHE C 88 -55.00 29.49 4.09
N GLN C 89 -54.05 29.72 3.20
CA GLN C 89 -53.81 31.07 2.68
C GLN C 89 -55.06 31.79 2.22
N THR C 90 -55.97 31.06 1.60
CA THR C 90 -57.19 31.63 1.03
C THR C 90 -58.35 31.60 2.01
N TRP C 91 -58.06 31.25 3.26
CA TRP C 91 -59.08 31.17 4.29
C TRP C 91 -59.98 32.39 4.29
N ALA C 92 -61.26 32.16 4.61
CA ALA C 92 -62.21 33.26 4.74
C ALA C 92 -63.35 32.89 5.69
N LEU C 93 -63.86 33.87 6.41
CA LEU C 93 -65.02 33.63 7.26
C LEU C 93 -66.23 33.86 6.38
N TYR C 94 -67.34 33.21 6.71
CA TYR C 94 -68.58 33.45 5.98
C TYR C 94 -69.08 34.82 6.42
N PRO C 95 -69.19 35.74 5.48
CA PRO C 95 -69.56 37.13 5.79
C PRO C 95 -70.98 37.28 6.34
N ASN C 96 -71.88 36.36 6.02
CA ASN C 96 -73.26 36.50 6.49
C ASN C 96 -73.60 35.63 7.70
N LEU C 97 -72.57 35.18 8.41
CA LEU C 97 -72.76 34.42 9.64
C LEU C 97 -71.98 35.12 10.72
N THR C 98 -72.50 35.13 11.94
CA THR C 98 -71.79 35.76 13.04
C THR C 98 -70.53 34.97 13.36
N ALA C 99 -69.73 35.53 14.26
CA ALA C 99 -68.55 34.84 14.73
C ALA C 99 -68.99 33.50 15.34
N PHE C 100 -70.06 33.51 16.13
CA PHE C 100 -70.57 32.27 16.71
C PHE C 100 -70.91 31.25 15.64
N GLU C 101 -71.70 31.67 14.65
CA GLU C 101 -72.13 30.78 13.57
C GLU C 101 -70.96 30.25 12.75
N ASN C 102 -69.97 31.10 12.52
CA ASN C 102 -68.76 30.68 11.80
C ASN C 102 -68.00 29.58 12.53
N ILE C 103 -67.86 29.75 13.84
CA ILE C 103 -67.16 28.75 14.65
C ILE C 103 -67.97 27.46 14.83
N ALA C 104 -69.29 27.58 14.85
CA ALA C 104 -70.16 26.41 14.99
C ALA C 104 -70.29 25.59 13.71
N PHE C 105 -70.05 26.22 12.56
CA PHE C 105 -70.26 25.57 11.26
C PHE C 105 -69.73 24.13 11.14
N PRO C 106 -68.49 23.88 11.51
CA PRO C 106 -67.88 22.55 11.42
C PRO C 106 -68.57 21.47 12.28
N LEU C 107 -69.35 21.87 13.27
CA LEU C 107 -70.01 20.91 14.15
C LEU C 107 -71.41 20.56 13.67
N THR C 108 -71.79 21.09 12.52
CA THR C 108 -73.13 20.90 11.98
C THR C 108 -73.53 19.43 11.86
N ASN C 109 -72.60 18.60 11.40
CA ASN C 109 -72.89 17.19 11.20
C ASN C 109 -72.15 16.29 12.17
N MET C 110 -71.77 16.84 13.32
CA MET C 110 -70.99 16.08 14.30
C MET C 110 -71.83 15.37 15.33
N LYS C 111 -73.14 15.26 15.07
CA LYS C 111 -74.01 14.56 15.99
C LYS C 111 -74.01 15.19 17.38
N MET C 112 -74.05 16.51 17.42
CA MET C 112 -74.12 17.24 18.68
C MET C 112 -75.42 18.02 18.79
N SER C 113 -76.00 18.06 19.99
CA SER C 113 -77.23 18.81 20.20
C SER C 113 -76.92 20.29 20.16
N LYS C 114 -77.96 21.12 20.13
CA LYS C 114 -77.78 22.56 20.06
C LYS C 114 -76.97 23.06 21.26
N GLU C 115 -77.23 22.49 22.42
CA GLU C 115 -76.57 22.88 23.65
C GLU C 115 -75.12 22.43 23.67
N GLU C 116 -74.84 21.25 23.14
CA GLU C 116 -73.46 20.76 23.07
C GLU C 116 -72.64 21.64 22.14
N ILE C 117 -73.26 22.09 21.06
CA ILE C 117 -72.58 22.96 20.11
C ILE C 117 -72.24 24.29 20.77
N ARG C 118 -73.22 24.87 21.47
CA ARG C 118 -73.01 26.14 22.14
C ARG C 118 -71.89 26.02 23.17
N LYS C 119 -71.94 25.00 24.00
CA LYS C 119 -70.93 24.83 25.04
C LYS C 119 -69.52 24.77 24.44
N ARG C 120 -69.36 24.01 23.37
CA ARG C 120 -68.06 23.86 22.74
C ARG C 120 -67.58 25.16 22.10
N VAL C 121 -68.49 25.85 21.40
CA VAL C 121 -68.14 27.11 20.76
C VAL C 121 -67.70 28.15 21.78
N GLU C 122 -68.44 28.28 22.88
CA GLU C 122 -68.08 29.28 23.88
C GLU C 122 -66.77 28.92 24.58
N GLU C 123 -66.52 27.62 24.69
CA GLU C 123 -65.30 27.11 25.31
C GLU C 123 -64.09 27.54 24.50
N VAL C 124 -64.12 27.29 23.20
CA VAL C 124 -63.02 27.67 22.32
C VAL C 124 -62.93 29.19 22.15
N ALA C 125 -64.09 29.86 22.12
CA ALA C 125 -64.12 31.31 22.02
C ALA C 125 -63.40 31.95 23.20
N LYS C 126 -63.60 31.39 24.39
CA LYS C 126 -62.92 31.87 25.58
C LYS C 126 -61.41 31.68 25.47
N ILE C 127 -60.97 30.53 24.96
CA ILE C 127 -59.55 30.29 24.77
C ILE C 127 -58.91 31.34 23.84
N LEU C 128 -59.62 31.71 22.77
CA LEU C 128 -59.11 32.69 21.81
C LEU C 128 -59.47 34.13 22.18
N ASP C 129 -60.05 34.31 23.35
CA ASP C 129 -60.45 35.62 23.86
C ASP C 129 -61.33 36.46 22.91
N ILE C 130 -62.30 35.80 22.25
CA ILE C 130 -63.27 36.52 21.42
C ILE C 130 -64.68 36.15 21.85
N HIS C 131 -64.79 35.60 23.06
CA HIS C 131 -66.09 35.21 23.57
C HIS C 131 -67.04 36.41 23.60
N HIS C 132 -66.49 37.59 23.86
CA HIS C 132 -67.30 38.79 23.98
C HIS C 132 -67.79 39.40 22.65
N VAL C 133 -67.33 38.89 21.50
CA VAL C 133 -67.79 39.42 20.22
C VAL C 133 -68.41 38.33 19.35
N LEU C 134 -68.94 37.30 19.98
CA LEU C 134 -69.52 36.18 19.26
C LEU C 134 -70.73 36.56 18.42
N ASN C 135 -71.42 37.64 18.78
CA ASN C 135 -72.58 38.05 17.99
C ASN C 135 -72.23 39.00 16.83
N HIS C 136 -70.96 39.36 16.71
CA HIS C 136 -70.53 40.25 15.62
C HIS C 136 -70.39 39.49 14.32
N PHE C 137 -70.71 40.15 13.21
CA PHE C 137 -70.42 39.62 11.88
C PHE C 137 -68.94 39.93 11.63
N PRO C 138 -68.29 39.12 10.81
CA PRO C 138 -66.85 39.29 10.54
C PRO C 138 -66.44 40.72 10.17
N ARG C 139 -67.30 41.43 9.45
CA ARG C 139 -66.98 42.78 9.04
C ARG C 139 -66.85 43.75 10.21
N GLU C 140 -67.57 43.48 11.29
CA GLU C 140 -67.51 44.33 12.47
C GLU C 140 -66.35 43.95 13.39
N LEU C 141 -65.58 42.94 12.99
CA LEU C 141 -64.44 42.51 13.80
C LEU C 141 -63.14 43.14 13.30
N SER C 142 -62.17 43.31 14.19
CA SER C 142 -60.86 43.82 13.79
C SER C 142 -60.09 42.70 13.09
N GLY C 143 -59.01 43.05 12.41
CA GLY C 143 -58.18 42.06 11.75
C GLY C 143 -57.77 40.95 12.69
N GLY C 144 -57.33 41.35 13.88
CA GLY C 144 -56.88 40.41 14.89
C GLY C 144 -57.99 39.51 15.40
N GLN C 145 -59.20 40.06 15.49
CA GLN C 145 -60.36 39.30 15.94
C GLN C 145 -60.77 38.30 14.86
N GLN C 146 -60.64 38.72 13.60
CA GLN C 146 -60.97 37.86 12.47
C GLN C 146 -60.04 36.65 12.49
N GLN C 147 -58.76 36.89 12.79
CA GLN C 147 -57.80 35.80 12.84
C GLN C 147 -58.13 34.89 14.01
N ARG C 148 -58.50 35.49 15.14
CA ARG C 148 -58.84 34.71 16.32
C ARG C 148 -60.07 33.85 16.05
N VAL C 149 -61.02 34.39 15.29
CA VAL C 149 -62.23 33.64 14.96
C VAL C 149 -61.89 32.44 14.07
N ALA C 150 -61.01 32.66 13.10
CA ALA C 150 -60.58 31.59 12.19
C ALA C 150 -59.84 30.47 12.94
N LEU C 151 -59.02 30.85 13.92
CA LEU C 151 -58.32 29.84 14.72
C LEU C 151 -59.30 29.03 15.54
N ALA C 152 -60.28 29.72 16.15
CA ALA C 152 -61.30 29.06 16.95
C ALA C 152 -62.05 28.03 16.12
N ARG C 153 -62.40 28.43 14.91
CA ARG C 153 -63.10 27.54 13.98
C ARG C 153 -62.26 26.31 13.64
N ALA C 154 -60.95 26.50 13.50
CA ALA C 154 -60.04 25.40 13.16
C ALA C 154 -59.83 24.45 14.34
N LEU C 155 -60.13 24.92 15.54
CA LEU C 155 -59.91 24.13 16.75
C LEU C 155 -61.20 23.62 17.41
N VAL C 156 -62.34 23.95 16.83
CA VAL C 156 -63.62 23.63 17.45
C VAL C 156 -63.91 22.14 17.59
N LYS C 157 -63.30 21.32 16.74
CA LYS C 157 -63.49 19.87 16.83
C LYS C 157 -62.38 19.17 17.64
N ASP C 158 -61.67 19.94 18.47
CA ASP C 158 -60.62 19.36 19.31
C ASP C 158 -59.63 18.49 18.52
N PRO C 159 -58.99 19.08 17.53
CA PRO C 159 -58.01 18.41 16.66
C PRO C 159 -56.72 18.06 17.42
N SER C 160 -55.93 17.14 16.89
CA SER C 160 -54.62 16.83 17.42
C SER C 160 -53.52 17.59 16.65
N LEU C 161 -53.88 18.10 15.49
CA LEU C 161 -52.91 18.72 14.57
C LEU C 161 -53.46 20.02 14.00
N LEU C 162 -52.64 21.07 13.98
CA LEU C 162 -53.06 22.35 13.41
C LEU C 162 -52.17 22.69 12.22
N LEU C 163 -52.78 22.95 11.07
CA LEU C 163 -52.05 23.26 9.86
C LEU C 163 -52.26 24.72 9.47
N LEU C 164 -51.18 25.46 9.28
CA LEU C 164 -51.28 26.84 8.85
C LEU C 164 -50.47 27.03 7.58
N ASP C 165 -51.13 27.48 6.52
CA ASP C 165 -50.44 27.71 5.26
C ASP C 165 -50.45 29.21 4.95
N GLU C 166 -49.30 29.87 5.16
CA GLU C 166 -49.16 31.31 4.94
C GLU C 166 -50.34 32.05 5.54
N PRO C 167 -50.60 31.82 6.83
CA PRO C 167 -51.78 32.36 7.52
C PRO C 167 -51.77 33.88 7.60
N PHE C 168 -50.63 34.43 8.00
CA PHE C 168 -50.49 35.86 8.21
C PHE C 168 -50.33 36.62 6.89
N SER C 169 -51.07 36.16 5.87
CA SER C 169 -51.02 36.76 4.55
C SER C 169 -51.67 38.14 4.49
N ASN C 170 -52.74 38.32 5.25
CA ASN C 170 -53.44 39.61 5.30
C ASN C 170 -53.13 40.36 6.58
N LEU C 171 -51.85 40.64 6.83
CA LEU C 171 -51.43 41.34 8.04
C LEU C 171 -50.30 42.33 7.78
N ASP C 172 -50.22 43.34 8.64
CA ASP C 172 -49.25 44.43 8.47
C ASP C 172 -47.83 44.16 8.95
N ALA C 173 -47.62 44.20 10.25
CA ALA C 173 -46.29 44.02 10.83
C ALA C 173 -46.37 43.97 12.35
N ARG C 174 -47.10 44.93 12.92
CA ARG C 174 -47.36 44.92 14.34
C ARG C 174 -48.34 43.78 14.54
N MET C 175 -49.31 43.72 13.61
CA MET C 175 -50.29 42.66 13.60
C MET C 175 -49.57 41.33 13.45
N ARG C 176 -48.52 41.31 12.63
CA ARG C 176 -47.76 40.08 12.35
C ARG C 176 -47.11 39.53 13.61
N ASP C 177 -46.40 40.38 14.36
CA ASP C 177 -45.79 39.96 15.60
C ASP C 177 -46.84 39.37 16.53
N SER C 178 -47.96 40.06 16.65
CA SER C 178 -49.05 39.64 17.52
C SER C 178 -49.65 38.31 17.10
N ALA C 179 -49.83 38.13 15.80
CA ALA C 179 -50.41 36.90 15.29
C ALA C 179 -49.50 35.69 15.54
N ARG C 180 -48.20 35.88 15.36
CA ARG C 180 -47.26 34.79 15.56
C ARG C 180 -47.26 34.37 17.02
N ALA C 181 -47.29 35.36 17.91
CA ALA C 181 -47.30 35.10 19.35
C ALA C 181 -48.55 34.32 19.76
N LEU C 182 -49.69 34.70 19.20
CA LEU C 182 -50.95 34.01 19.49
C LEU C 182 -50.89 32.54 19.07
N VAL C 183 -50.36 32.25 17.89
CA VAL C 183 -50.26 30.85 17.42
C VAL C 183 -49.46 30.00 18.43
N LYS C 184 -48.35 30.54 18.92
CA LYS C 184 -47.56 29.85 19.93
C LYS C 184 -48.34 29.64 21.23
N GLU C 185 -49.06 30.68 21.67
CA GLU C 185 -49.83 30.60 22.91
C GLU C 185 -50.89 29.51 22.83
N VAL C 186 -51.62 29.51 21.73
CA VAL C 186 -52.66 28.53 21.50
C VAL C 186 -52.11 27.11 21.38
N GLN C 187 -50.97 26.96 20.70
CA GLN C 187 -50.34 25.64 20.60
C GLN C 187 -50.01 25.07 21.99
N SER C 188 -49.52 25.93 22.88
CA SER C 188 -49.21 25.51 24.26
C SER C 188 -50.49 25.17 25.04
N ARG C 189 -51.50 26.01 24.90
CA ARG C 189 -52.75 25.79 25.62
C ARG C 189 -53.44 24.45 25.27
N LEU C 190 -53.27 24.00 24.03
CA LEU C 190 -53.95 22.80 23.57
C LEU C 190 -53.06 21.57 23.36
N GLY C 191 -51.75 21.80 23.24
CA GLY C 191 -50.81 20.72 23.00
C GLY C 191 -50.82 20.10 21.60
N VAL C 192 -51.44 20.76 20.64
CA VAL C 192 -51.52 20.18 19.29
C VAL C 192 -50.16 20.16 18.58
N THR C 193 -49.99 19.17 17.72
CA THR C 193 -48.86 19.21 16.80
C THR C 193 -49.15 20.39 15.89
N LEU C 194 -48.14 21.15 15.53
CA LEU C 194 -48.33 22.33 14.70
C LEU C 194 -47.41 22.34 13.48
N LEU C 195 -48.01 22.52 12.32
CA LEU C 195 -47.24 22.59 11.08
C LEU C 195 -47.54 23.91 10.40
N VAL C 196 -46.51 24.72 10.19
CA VAL C 196 -46.69 25.99 9.52
C VAL C 196 -45.78 26.06 8.31
N VAL C 197 -46.32 26.52 7.19
CA VAL C 197 -45.51 26.65 5.98
C VAL C 197 -45.62 28.08 5.46
N SER C 198 -44.50 28.60 4.93
CA SER C 198 -44.47 29.97 4.44
C SER C 198 -43.22 30.24 3.59
N HIS C 199 -43.28 31.30 2.80
CA HIS C 199 -42.13 31.74 2.02
C HIS C 199 -41.39 32.79 2.85
N ASP C 200 -41.95 33.13 3.99
CA ASP C 200 -41.41 34.19 4.85
C ASP C 200 -40.61 33.64 6.03
N PRO C 201 -39.29 33.86 6.01
CA PRO C 201 -38.40 33.35 7.05
C PRO C 201 -38.76 33.88 8.43
N ALA C 202 -39.29 35.10 8.51
CA ALA C 202 -39.69 35.67 9.79
C ALA C 202 -40.85 34.88 10.38
N ASP C 203 -41.82 34.51 9.53
CA ASP C 203 -42.96 33.70 9.93
C ASP C 203 -42.50 32.40 10.54
N ILE C 204 -41.62 31.71 9.82
CA ILE C 204 -41.14 30.40 10.26
C ILE C 204 -40.29 30.45 11.53
N PHE C 205 -39.39 31.42 11.64
CA PHE C 205 -38.46 31.47 12.77
C PHE C 205 -39.09 32.01 14.06
N ALA C 206 -40.20 32.71 13.93
CA ALA C 206 -40.90 33.19 15.10
C ALA C 206 -41.67 32.06 15.77
N ILE C 207 -41.98 31.02 15.00
CA ILE C 207 -42.88 29.96 15.49
C ILE C 207 -42.31 28.55 15.62
N ALA C 208 -41.50 28.15 14.64
CA ALA C 208 -41.01 26.77 14.59
C ALA C 208 -39.78 26.47 15.45
N ASP C 209 -39.74 25.26 16.00
CA ASP C 209 -38.55 24.85 16.75
C ASP C 209 -37.65 24.00 15.87
N ARG C 210 -38.23 23.44 14.81
CA ARG C 210 -37.43 22.69 13.85
C ARG C 210 -37.98 23.03 12.47
N VAL C 211 -37.11 23.09 11.48
CA VAL C 211 -37.52 23.58 10.18
C VAL C 211 -36.99 22.80 8.99
N GLY C 212 -37.84 22.64 7.99
CA GLY C 212 -37.48 22.02 6.73
C GLY C 212 -37.48 23.07 5.63
N VAL C 213 -36.46 23.05 4.78
CA VAL C 213 -36.37 23.98 3.66
C VAL C 213 -36.74 23.24 2.38
N LEU C 214 -37.77 23.73 1.71
CA LEU C 214 -38.29 23.11 0.49
C LEU C 214 -37.91 23.93 -0.74
N VAL C 215 -37.24 23.29 -1.69
CA VAL C 215 -36.85 23.95 -2.95
C VAL C 215 -37.21 23.09 -4.15
N LYS C 216 -38.07 23.61 -5.02
CA LYS C 216 -38.50 22.90 -6.22
C LYS C 216 -38.90 21.45 -5.95
N GLY C 217 -39.73 21.22 -4.94
CA GLY C 217 -40.23 19.91 -4.64
C GLY C 217 -39.32 19.05 -3.78
N LYS C 218 -38.09 19.49 -3.58
CA LYS C 218 -37.12 18.76 -2.76
C LYS C 218 -36.93 19.38 -1.38
N LEU C 219 -37.00 18.55 -0.34
CA LEU C 219 -36.74 19.01 1.00
C LEU C 219 -35.22 18.91 1.18
N VAL C 220 -34.53 20.02 0.95
CA VAL C 220 -33.07 20.02 0.88
C VAL C 220 -32.31 20.01 2.22
N GLN C 221 -32.95 20.44 3.30
CA GLN C 221 -32.31 20.43 4.62
C GLN C 221 -33.37 20.53 5.71
N VAL C 222 -33.15 19.81 6.80
CA VAL C 222 -34.00 19.87 7.97
C VAL C 222 -33.14 20.04 9.21
N GLY C 223 -33.54 20.93 10.11
CA GLY C 223 -32.76 21.16 11.32
C GLY C 223 -33.35 22.27 12.17
N LYS C 224 -32.73 22.51 13.32
CA LYS C 224 -33.11 23.63 14.16
C LYS C 224 -32.73 24.89 13.40
N PRO C 225 -33.46 25.97 13.62
CA PRO C 225 -33.21 27.23 12.91
C PRO C 225 -31.74 27.62 12.97
N GLU C 226 -31.15 27.53 14.16
CA GLU C 226 -29.74 27.88 14.32
C GLU C 226 -28.87 27.03 13.39
N ASP C 227 -29.22 25.75 13.27
CA ASP C 227 -28.46 24.81 12.43
C ASP C 227 -28.50 25.22 10.96
N LEU C 228 -29.69 25.58 10.49
CA LEU C 228 -29.85 26.01 9.11
C LEU C 228 -29.08 27.30 8.87
N TYR C 229 -29.19 28.21 9.83
CA TYR C 229 -28.56 29.53 9.73
C TYR C 229 -27.03 29.45 9.69
N ASP C 230 -26.45 28.64 10.56
CA ASP C 230 -24.98 28.53 10.65
C ASP C 230 -24.35 27.46 9.77
N ASN C 231 -25.10 26.41 9.48
CA ASN C 231 -24.57 25.29 8.70
C ASN C 231 -25.44 24.93 7.50
N PRO C 232 -25.70 25.91 6.64
CA PRO C 232 -26.54 25.69 5.45
C PRO C 232 -25.83 24.74 4.49
N VAL C 233 -26.60 23.86 3.84
CA VAL C 233 -26.02 22.85 2.96
C VAL C 233 -25.61 23.42 1.60
N SER C 234 -26.08 24.63 1.29
CA SER C 234 -25.78 25.26 0.02
C SER C 234 -25.95 26.76 0.14
N ILE C 235 -25.49 27.51 -0.86
CA ILE C 235 -25.63 28.96 -0.80
C ILE C 235 -27.11 29.36 -0.95
N GLN C 236 -27.85 28.63 -1.79
CA GLN C 236 -29.27 28.95 -1.90
C GLN C 236 -29.97 28.84 -0.54
N VAL C 237 -29.71 27.76 0.20
CA VAL C 237 -30.31 27.62 1.52
C VAL C 237 -29.84 28.73 2.46
N ALA C 238 -28.56 29.05 2.39
CA ALA C 238 -27.98 30.10 3.24
C ALA C 238 -28.71 31.44 3.09
N SER C 239 -29.02 31.82 1.86
CA SER C 239 -29.71 33.09 1.62
C SER C 239 -31.22 33.00 1.85
N LEU C 240 -31.79 31.81 1.75
CA LEU C 240 -33.23 31.68 2.01
C LEU C 240 -33.50 31.92 3.48
N ILE C 241 -32.59 31.45 4.33
CA ILE C 241 -32.76 31.55 5.77
C ILE C 241 -32.38 32.92 6.33
N GLY C 242 -31.66 33.71 5.55
CA GLY C 242 -31.28 35.06 5.95
C GLY C 242 -30.27 35.74 5.04
N GLU C 243 -29.95 36.98 5.36
CA GLU C 243 -29.01 37.78 4.58
C GLU C 243 -27.59 37.20 4.57
N ILE C 244 -26.98 37.20 3.40
CA ILE C 244 -25.62 36.71 3.28
C ILE C 244 -24.91 37.28 2.05
N ASN C 245 -23.60 37.43 2.18
CA ASN C 245 -22.78 37.88 1.06
C ASN C 245 -22.33 36.63 0.32
N GLU C 246 -22.55 36.63 -0.99
CA GLU C 246 -22.12 35.51 -1.83
C GLU C 246 -21.01 35.96 -2.78
N LEU C 247 -19.84 35.34 -2.64
CA LEU C 247 -18.69 35.67 -3.48
C LEU C 247 -18.04 34.44 -4.08
N GLU C 248 -17.57 34.57 -5.32
CA GLU C 248 -16.90 33.47 -6.00
C GLU C 248 -15.41 33.78 -6.14
N GLY C 249 -14.57 32.76 -5.99
CA GLY C 249 -13.14 32.94 -6.07
C GLY C 249 -12.36 31.71 -6.51
N LYS C 250 -11.03 31.79 -6.41
CA LYS C 250 -10.15 30.69 -6.81
C LYS C 250 -9.42 30.10 -5.61
N VAL C 251 -9.43 28.77 -5.53
CA VAL C 251 -8.76 28.05 -4.44
C VAL C 251 -7.25 27.97 -4.67
N THR C 252 -6.47 28.50 -3.73
CA THR C 252 -5.02 28.54 -3.90
C THR C 252 -4.21 28.29 -2.62
N ASN C 253 -3.98 27.02 -2.31
CA ASN C 253 -3.17 26.64 -1.16
C ASN C 253 -3.21 27.56 0.05
N GLU C 254 -3.25 28.87 -0.19
CA GLU C 254 -3.29 29.82 0.89
C GLU C 254 -4.68 30.32 1.25
N GLY C 255 -5.69 29.67 0.68
CA GLY C 255 -7.08 30.05 0.92
C GLY C 255 -7.80 30.41 -0.37
N VAL C 256 -9.06 30.82 -0.25
CA VAL C 256 -9.82 31.22 -1.43
C VAL C 256 -9.50 32.68 -1.76
N VAL C 257 -9.12 32.92 -3.00
CA VAL C 257 -8.67 34.25 -3.44
C VAL C 257 -9.68 35.05 -4.24
N ILE C 258 -9.90 36.29 -3.81
CA ILE C 258 -10.81 37.20 -4.48
C ILE C 258 -10.20 38.59 -4.42
N GLY C 259 -9.54 38.98 -5.51
CA GLY C 259 -8.84 40.24 -5.54
C GLY C 259 -7.86 40.29 -4.37
N SER C 260 -7.90 41.37 -3.62
CA SER C 260 -6.99 41.58 -2.50
C SER C 260 -7.38 40.84 -1.21
N LEU C 261 -8.43 40.02 -1.27
CA LEU C 261 -8.84 39.27 -0.09
C LEU C 261 -8.55 37.78 -0.21
N ARG C 262 -8.21 37.15 0.91
CA ARG C 262 -7.96 35.72 0.94
C ARG C 262 -8.67 35.06 2.12
N PHE C 263 -9.57 34.13 1.82
CA PHE C 263 -10.33 33.42 2.85
C PHE C 263 -9.67 32.08 3.15
N PRO C 264 -9.29 31.89 4.41
CA PRO C 264 -8.53 30.71 4.84
C PRO C 264 -9.32 29.41 4.91
N VAL C 265 -10.05 29.10 3.85
CA VAL C 265 -10.82 27.86 3.77
C VAL C 265 -10.57 27.22 2.42
N SER C 266 -10.97 25.96 2.28
CA SER C 266 -10.75 25.24 1.03
C SER C 266 -11.87 24.27 0.67
N VAL C 267 -12.00 24.01 -0.63
CA VAL C 267 -12.95 23.04 -1.15
C VAL C 267 -12.22 22.08 -2.09
N SER C 268 -12.95 21.47 -3.02
CA SER C 268 -12.35 20.56 -3.97
C SER C 268 -12.28 21.18 -5.36
N SER C 269 -13.39 21.79 -5.79
CA SER C 269 -13.45 22.39 -7.11
C SER C 269 -12.28 23.35 -7.33
N ASP C 270 -12.11 23.79 -8.58
CA ASP C 270 -11.06 24.74 -8.92
C ASP C 270 -11.44 26.09 -8.35
N ARG C 271 -12.74 26.36 -8.32
CA ARG C 271 -13.26 27.61 -7.79
C ARG C 271 -14.20 27.32 -6.62
N ALA C 272 -14.50 28.34 -5.84
CA ALA C 272 -15.36 28.18 -4.68
C ALA C 272 -16.29 29.36 -4.49
N ILE C 273 -17.43 29.08 -3.86
CA ILE C 273 -18.38 30.11 -3.51
C ILE C 273 -18.26 30.33 -2.01
N ILE C 274 -18.00 31.58 -1.63
CA ILE C 274 -17.84 31.95 -0.23
C ILE C 274 -19.10 32.65 0.26
N GLY C 275 -19.54 32.28 1.46
CA GLY C 275 -20.69 32.92 2.06
C GLY C 275 -20.34 33.55 3.39
N ILE C 276 -20.61 34.84 3.52
CA ILE C 276 -20.36 35.52 4.79
C ILE C 276 -21.51 36.46 5.11
N ARG C 277 -22.16 36.21 6.23
CA ARG C 277 -23.28 37.04 6.67
C ARG C 277 -22.74 38.39 7.12
N PRO C 278 -23.53 39.44 6.95
CA PRO C 278 -23.11 40.81 7.29
C PRO C 278 -22.62 40.96 8.73
N GLU C 279 -23.23 40.25 9.67
CA GLU C 279 -22.84 40.35 11.07
C GLU C 279 -21.47 39.72 11.33
N ASP C 280 -20.97 38.94 10.36
CA ASP C 280 -19.67 38.30 10.49
C ASP C 280 -18.60 39.04 9.72
N VAL C 281 -18.84 40.32 9.46
CA VAL C 281 -17.88 41.19 8.79
C VAL C 281 -17.68 42.42 9.65
N LYS C 282 -16.43 42.86 9.75
CA LYS C 282 -16.11 44.09 10.48
C LYS C 282 -15.06 44.86 9.70
N LEU C 283 -15.30 46.15 9.48
CA LEU C 283 -14.35 46.99 8.74
C LEU C 283 -13.60 47.89 9.71
N SER C 284 -12.35 48.19 9.39
CA SER C 284 -11.53 48.98 10.30
C SER C 284 -10.45 49.78 9.58
N LYS C 285 -10.09 50.92 10.16
CA LYS C 285 -9.04 51.76 9.60
C LYS C 285 -7.68 51.34 10.17
N ASP C 286 -7.72 50.56 11.24
CA ASP C 286 -6.51 50.09 11.90
C ASP C 286 -6.63 48.61 12.27
N VAL C 287 -5.50 47.95 12.49
CA VAL C 287 -5.52 46.52 12.80
C VAL C 287 -6.36 46.25 14.05
N ILE C 288 -7.06 45.12 14.04
CA ILE C 288 -7.83 44.74 15.21
C ILE C 288 -7.08 43.68 16.00
N LYS C 289 -6.64 44.05 17.21
CA LYS C 289 -5.95 43.13 18.08
C LYS C 289 -7.02 42.32 18.78
N ASP C 290 -7.55 41.34 18.07
CA ASP C 290 -8.65 40.52 18.57
C ASP C 290 -8.59 39.17 17.88
N ASP C 291 -8.27 38.14 18.64
CA ASP C 291 -8.13 36.79 18.11
C ASP C 291 -9.44 36.20 17.59
N SER C 292 -10.57 36.84 17.91
CA SER C 292 -11.86 36.35 17.45
C SER C 292 -12.22 36.91 16.07
N TRP C 293 -11.51 37.95 15.64
CA TRP C 293 -11.68 38.51 14.30
C TRP C 293 -10.42 38.22 13.50
N ILE C 294 -10.56 37.80 12.25
CA ILE C 294 -9.37 37.56 11.44
C ILE C 294 -9.31 38.42 10.17
N LEU C 295 -8.13 38.97 9.94
CA LEU C 295 -7.85 39.83 8.79
C LEU C 295 -7.84 39.03 7.49
N VAL C 296 -8.61 39.46 6.51
CA VAL C 296 -8.62 38.77 5.23
C VAL C 296 -8.03 39.63 4.12
N GLY C 297 -7.75 40.88 4.44
CA GLY C 297 -7.16 41.78 3.46
C GLY C 297 -7.78 43.16 3.41
N LYS C 298 -7.32 43.97 2.46
CA LYS C 298 -7.83 45.32 2.31
C LYS C 298 -9.00 45.38 1.34
N GLY C 299 -9.87 46.36 1.56
CA GLY C 299 -11.00 46.59 0.68
C GLY C 299 -11.16 48.08 0.45
N LYS C 300 -12.16 48.46 -0.33
CA LYS C 300 -12.42 49.86 -0.62
C LYS C 300 -13.94 50.07 -0.61
N VAL C 301 -14.41 51.14 0.01
CA VAL C 301 -15.85 51.40 0.06
C VAL C 301 -16.40 51.82 -1.29
N LYS C 302 -17.45 51.14 -1.73
CA LYS C 302 -18.09 51.40 -3.02
C LYS C 302 -19.26 52.34 -2.86
N VAL C 303 -20.09 52.08 -1.87
CA VAL C 303 -21.29 52.89 -1.67
C VAL C 303 -21.84 52.67 -0.28
N ILE C 304 -22.55 53.68 0.24
CA ILE C 304 -23.12 53.58 1.56
C ILE C 304 -24.63 53.78 1.52
N GLY C 305 -25.35 53.01 2.33
CA GLY C 305 -26.78 53.13 2.46
C GLY C 305 -27.15 53.41 3.91
N TYR C 306 -28.39 53.81 4.13
CA TYR C 306 -28.86 54.14 5.47
C TYR C 306 -30.27 53.65 5.63
N GLN C 307 -30.48 52.80 6.63
CA GLN C 307 -31.76 52.14 6.79
C GLN C 307 -31.86 51.59 8.20
N GLY C 308 -32.97 51.87 8.86
CA GLY C 308 -33.21 51.41 10.22
C GLY C 308 -32.21 51.90 11.25
N GLY C 309 -31.81 53.16 11.14
CA GLY C 309 -30.87 53.75 12.07
C GLY C 309 -29.43 53.28 11.87
N LEU C 310 -29.22 52.35 10.95
CA LEU C 310 -27.90 51.80 10.71
C LEU C 310 -27.39 52.10 9.31
N PHE C 311 -26.08 52.23 9.19
CA PHE C 311 -25.48 52.43 7.88
C PHE C 311 -25.21 51.06 7.28
N ARG C 312 -25.54 50.91 6.00
CA ARG C 312 -25.24 49.68 5.29
C ARG C 312 -24.05 50.03 4.42
N ILE C 313 -22.91 49.43 4.72
CA ILE C 313 -21.68 49.73 4.00
C ILE C 313 -21.31 48.64 3.02
N THR C 314 -21.12 49.01 1.77
CA THR C 314 -20.73 48.06 0.74
C THR C 314 -19.31 48.36 0.28
N ILE C 315 -18.49 47.33 0.26
CA ILE C 315 -17.10 47.43 -0.21
C ILE C 315 -16.84 46.38 -1.27
N THR C 316 -15.72 46.53 -1.96
CA THR C 316 -15.20 45.50 -2.80
C THR C 316 -13.76 45.33 -2.42
N PRO C 317 -13.16 44.19 -2.73
CA PRO C 317 -11.73 44.03 -2.52
C PRO C 317 -11.07 44.82 -3.64
N LEU C 318 -9.79 45.17 -3.52
CA LEU C 318 -9.11 45.83 -4.61
C LEU C 318 -8.95 44.78 -5.70
N ASP C 319 -8.90 45.20 -6.96
CA ASP C 319 -8.72 44.27 -8.08
C ASP C 319 -9.87 43.27 -8.17
N SER C 320 -11.06 43.71 -7.80
CA SER C 320 -12.25 42.85 -7.84
C SER C 320 -13.51 43.68 -7.91
N GLU C 321 -14.59 43.09 -8.41
CA GLU C 321 -15.88 43.78 -8.43
C GLU C 321 -16.89 43.08 -7.50
N GLU C 322 -16.45 42.00 -6.88
CA GLU C 322 -17.28 41.28 -5.92
C GLU C 322 -17.61 42.20 -4.75
N GLU C 323 -18.83 42.08 -4.23
CA GLU C 323 -19.27 42.97 -3.15
C GLU C 323 -19.43 42.27 -1.81
N ILE C 324 -19.21 43.04 -0.75
CA ILE C 324 -19.47 42.58 0.61
C ILE C 324 -20.16 43.74 1.32
N PHE C 325 -21.34 43.51 1.88
CA PHE C 325 -21.98 44.56 2.64
C PHE C 325 -22.04 44.18 4.11
N THR C 326 -22.11 45.18 4.97
CA THR C 326 -22.22 44.94 6.40
C THR C 326 -22.85 46.18 7.04
N TYR C 327 -23.31 46.07 8.29
CA TYR C 327 -23.99 47.17 8.96
C TYR C 327 -23.14 47.78 10.06
N SER C 328 -23.24 49.09 10.24
CA SER C 328 -22.45 49.78 11.25
C SER C 328 -23.19 50.99 11.80
N ASP C 329 -22.86 51.39 13.02
CA ASP C 329 -23.48 52.57 13.61
C ASP C 329 -22.84 53.81 13.04
N HIS C 330 -21.64 53.66 12.51
CA HIS C 330 -20.92 54.80 11.98
C HIS C 330 -20.63 54.62 10.51
N PRO C 331 -20.72 55.71 9.76
CA PRO C 331 -20.51 55.68 8.31
C PRO C 331 -19.03 55.66 7.96
N ILE C 332 -18.72 55.08 6.81
CA ILE C 332 -17.43 55.18 6.21
C ILE C 332 -17.65 55.51 4.77
N HIS C 333 -16.99 56.55 4.31
CA HIS C 333 -17.28 57.14 3.01
C HIS C 333 -16.67 56.44 1.80
N SER C 334 -17.38 56.54 0.68
CA SER C 334 -16.98 55.94 -0.57
C SER C 334 -15.55 56.32 -0.92
N GLY C 335 -14.78 55.34 -1.39
CA GLY C 335 -13.40 55.59 -1.79
C GLY C 335 -12.38 55.31 -0.70
N GLU C 336 -12.85 55.25 0.54
CA GLU C 336 -11.98 54.96 1.66
C GLU C 336 -11.50 53.52 1.59
N GLU C 337 -10.23 53.29 1.91
CA GLU C 337 -9.71 51.94 1.96
C GLU C 337 -9.86 51.48 3.40
N VAL C 338 -10.18 50.21 3.59
CA VAL C 338 -10.36 49.69 4.94
C VAL C 338 -9.82 48.28 5.03
N LEU C 339 -9.61 47.82 6.27
CA LEU C 339 -9.20 46.45 6.51
C LEU C 339 -10.47 45.66 6.69
N VAL C 340 -10.50 44.46 6.13
CA VAL C 340 -11.68 43.62 6.22
C VAL C 340 -11.39 42.47 7.18
N TYR C 341 -12.22 42.34 8.20
CA TYR C 341 -12.10 41.24 9.16
C TYR C 341 -13.37 40.40 9.10
N VAL C 342 -13.24 39.10 9.32
CA VAL C 342 -14.41 38.23 9.38
C VAL C 342 -14.30 37.30 10.58
N ARG C 343 -15.43 36.74 10.99
CA ARG C 343 -15.44 35.71 12.04
C ARG C 343 -15.05 34.44 11.31
N LYS C 344 -13.90 33.85 11.65
CA LYS C 344 -13.40 32.73 10.86
C LYS C 344 -14.30 31.50 10.81
N ASP C 345 -14.66 30.96 11.97
CA ASP C 345 -15.52 29.78 11.99
C ASP C 345 -16.89 30.10 11.38
N LYS C 346 -17.08 31.34 10.95
CA LYS C 346 -18.37 31.74 10.38
C LYS C 346 -18.34 31.81 8.85
N ILE C 347 -17.19 31.49 8.28
CA ILE C 347 -17.05 31.47 6.83
C ILE C 347 -17.72 30.22 6.27
N LYS C 348 -18.66 30.41 5.35
CA LYS C 348 -19.32 29.30 4.69
C LYS C 348 -18.71 29.11 3.30
N VAL C 349 -18.37 27.88 2.94
CA VAL C 349 -17.75 27.64 1.65
C VAL C 349 -18.35 26.45 0.95
N PHE C 350 -18.56 26.60 -0.36
CA PHE C 350 -19.14 25.56 -1.19
C PHE C 350 -18.35 25.44 -2.50
N GLU C 351 -18.45 24.29 -3.14
CA GLU C 351 -17.80 24.11 -4.44
C GLU C 351 -18.60 24.88 -5.47
N LYS C 352 -17.92 25.40 -6.49
CA LYS C 352 -18.59 26.15 -7.55
C LYS C 352 -18.84 25.26 -8.75
N ASN C 353 -20.10 25.22 -9.21
CA ASN C 353 -20.47 24.41 -10.35
C ASN C 353 -19.45 23.33 -10.65
#